data_3I3Y
#
_entry.id   3I3Y
#
_cell.length_a   54.488
_cell.length_b   105.900
_cell.length_c   121.152
_cell.angle_alpha   90.00
_cell.angle_beta   99.45
_cell.angle_gamma   90.00
#
_symmetry.space_group_name_H-M   'P 1 21 1'
#
loop_
_entity.id
_entity.type
_entity.pdbx_description
1 polymer 'Carbohydrate kinase'
2 non-polymer 'SULFATE ION'
3 non-polymer GLYCEROL
4 non-polymer alpha-D-ribofuranose
5 water water
#
_entity_poly.entity_id   1
_entity_poly.type   'polypeptide(L)'
_entity_poly.pdbx_seq_one_letter_code
;(MSE)SLRVYVTGNITVDETWSIPDIPKKGASIHGVKVSQDIGGKGANQAIILSRCGIETRLIAATGNDSNGAWIRQQIK
NEPL(MSE)LLPDGHFNQHSDTSIILNSADGDNAIITTTAAADTFSLDE(MSE)IPH(MSE)ADAVAGDILLQQGNFSLD
KTRALFQYARSRG(MSE)TTVFNPSPVNPDFCHLWPLIDIAVVNESEAELLQPYGVKTLVITQGAAGAWLVQEGQRQFCP
AVPAEALDTTGAGDTFLAV(MSE)LASALLRGVAPDALALAHASRAAAITVSRRGTLSAFPGSRELAALLTTDGAEGHHH
HHH
;
_entity_poly.pdbx_strand_id   A,B,C,D
#
# COMPACT_ATOMS: atom_id res chain seq x y z
N LEU A 3 -35.30 2.92 -21.78
CA LEU A 3 -35.75 3.63 -20.55
C LEU A 3 -34.59 3.71 -19.56
N ARG A 4 -34.27 4.92 -19.13
CA ARG A 4 -33.18 5.13 -18.20
C ARG A 4 -33.66 5.48 -16.81
N VAL A 5 -32.83 5.19 -15.82
CA VAL A 5 -33.16 5.51 -14.46
C VAL A 5 -32.15 6.47 -13.86
N TYR A 6 -32.66 7.57 -13.32
CA TYR A 6 -31.84 8.58 -12.69
C TYR A 6 -32.16 8.46 -11.21
N VAL A 7 -31.15 8.14 -10.40
CA VAL A 7 -31.37 7.99 -8.97
C VAL A 7 -30.73 9.14 -8.22
N THR A 8 -31.57 10.06 -7.78
CA THR A 8 -31.16 11.24 -7.04
C THR A 8 -31.15 10.91 -5.55
N GLY A 9 -29.97 10.68 -5.01
CA GLY A 9 -29.88 10.34 -3.59
C GLY A 9 -28.52 10.51 -2.98
N ASN A 10 -28.19 9.64 -2.03
CA ASN A 10 -26.90 9.70 -1.36
C ASN A 10 -26.03 8.48 -1.57
N ILE A 11 -24.78 8.59 -1.16
CA ILE A 11 -23.83 7.47 -1.24
C ILE A 11 -23.05 7.57 0.06
N THR A 12 -22.82 6.45 0.72
CA THR A 12 -22.19 6.46 2.03
C THR A 12 -21.06 5.46 2.21
N VAL A 13 -20.33 5.61 3.32
CA VAL A 13 -19.28 4.66 3.70
C VAL A 13 -19.75 4.23 5.08
N ASP A 14 -20.10 2.96 5.25
CA ASP A 14 -20.54 2.50 6.55
C ASP A 14 -19.40 1.72 7.18
N GLU A 15 -18.87 2.23 8.27
CA GLU A 15 -17.75 1.59 8.96
C GLU A 15 -18.19 0.87 10.22
N THR A 16 -17.80 -0.39 10.35
CA THR A 16 -18.15 -1.15 11.54
C THR A 16 -16.94 -1.19 12.47
N TRP A 17 -17.14 -0.72 13.69
CA TRP A 17 -16.10 -0.69 14.70
C TRP A 17 -16.48 -1.64 15.82
N SER A 18 -15.54 -2.48 16.23
CA SER A 18 -15.75 -3.42 17.31
C SER A 18 -15.11 -2.88 18.57
N ILE A 19 -15.92 -2.63 19.59
CA ILE A 19 -15.40 -2.15 20.86
C ILE A 19 -15.92 -3.06 21.95
N PRO A 20 -15.21 -3.12 23.08
CA PRO A 20 -15.65 -3.97 24.19
C PRO A 20 -17.03 -3.56 24.68
N ASP A 21 -17.30 -2.26 24.55
CA ASP A 21 -18.54 -1.68 25.01
C ASP A 21 -18.51 -0.18 24.75
N ILE A 22 -19.69 0.44 24.58
CA ILE A 22 -19.78 1.87 24.31
C ILE A 22 -19.22 2.68 25.46
N PRO A 23 -18.19 3.51 25.20
CA PRO A 23 -17.60 4.31 26.28
C PRO A 23 -18.56 5.30 26.91
N LYS A 24 -18.35 5.60 28.19
CA LYS A 24 -19.20 6.59 28.82
C LYS A 24 -18.55 7.91 28.40
N LYS A 25 -19.20 9.02 28.69
CA LYS A 25 -18.67 10.31 28.29
C LYS A 25 -17.18 10.58 28.45
N GLY A 26 -16.65 10.49 29.67
CA GLY A 26 -15.23 10.78 29.82
C GLY A 26 -14.20 9.69 29.50
N ALA A 27 -14.67 8.48 29.20
CA ALA A 27 -13.77 7.36 28.92
C ALA A 27 -13.00 7.46 27.60
N SER A 28 -11.98 6.61 27.48
CA SER A 28 -11.14 6.51 26.29
C SER A 28 -10.80 5.05 26.11
N ILE A 29 -11.37 4.43 25.08
CA ILE A 29 -11.16 3.01 24.84
C ILE A 29 -10.55 2.62 23.51
N HIS A 30 -10.13 1.36 23.41
CA HIS A 30 -9.55 0.84 22.19
C HIS A 30 -10.67 0.21 21.38
N GLY A 31 -10.54 0.25 20.06
CA GLY A 31 -11.55 -0.32 19.23
C GLY A 31 -10.89 -0.93 18.02
N VAL A 32 -11.63 -1.75 17.27
CA VAL A 32 -11.10 -2.36 16.08
C VAL A 32 -12.01 -2.04 14.90
N LYS A 33 -11.45 -1.44 13.88
CA LYS A 33 -12.20 -1.10 12.68
C LYS A 33 -12.17 -2.34 11.78
N VAL A 34 -13.17 -3.20 11.97
CA VAL A 34 -13.31 -4.46 11.24
C VAL A 34 -13.80 -4.40 9.80
N SER A 35 -14.85 -3.64 9.52
CA SER A 35 -15.35 -3.57 8.15
C SER A 35 -15.74 -2.17 7.67
N GLN A 36 -15.87 -2.07 6.35
CA GLN A 36 -16.20 -0.83 5.70
C GLN A 36 -16.93 -1.17 4.39
N ASP A 37 -18.16 -0.67 4.23
CA ASP A 37 -18.92 -0.95 3.01
C ASP A 37 -19.53 0.33 2.45
N ILE A 38 -19.85 0.32 1.16
CA ILE A 38 -20.51 1.46 0.55
C ILE A 38 -21.97 1.35 0.95
N GLY A 39 -22.54 2.43 1.46
CA GLY A 39 -23.93 2.40 1.89
C GLY A 39 -24.77 3.49 1.24
N GLY A 40 -25.95 3.73 1.80
CA GLY A 40 -26.85 4.74 1.24
C GLY A 40 -27.93 4.10 0.39
N LYS A 41 -29.19 4.29 0.75
CA LYS A 41 -30.28 3.68 -0.02
C LYS A 41 -30.21 4.12 -1.48
N GLY A 42 -29.71 5.32 -1.74
CA GLY A 42 -29.58 5.80 -3.09
C GLY A 42 -28.60 4.99 -3.92
N ALA A 43 -27.37 4.88 -3.42
CA ALA A 43 -26.33 4.13 -4.13
C ALA A 43 -26.68 2.63 -4.18
N ASN A 44 -27.21 2.10 -3.09
CA ASN A 44 -27.57 0.68 -3.08
C ASN A 44 -28.55 0.38 -4.20
N GLN A 45 -29.63 1.15 -4.24
CA GLN A 45 -30.66 0.96 -5.24
C GLN A 45 -30.12 1.18 -6.64
N ALA A 46 -29.40 2.29 -6.86
CA ALA A 46 -28.85 2.56 -8.19
C ALA A 46 -27.92 1.46 -8.63
N ILE A 47 -27.07 0.99 -7.71
CA ILE A 47 -26.11 -0.08 -8.00
C ILE A 47 -26.77 -1.39 -8.44
N ILE A 48 -27.81 -1.79 -7.73
CA ILE A 48 -28.50 -3.04 -8.02
C ILE A 48 -29.25 -2.93 -9.36
N LEU A 49 -29.84 -1.76 -9.61
CA LEU A 49 -30.54 -1.52 -10.87
C LEU A 49 -29.57 -1.68 -12.05
N SER A 50 -28.36 -1.14 -11.92
CA SER A 50 -27.40 -1.24 -13.01
C SER A 50 -26.94 -2.68 -13.20
N ARG A 51 -26.86 -3.46 -12.12
CA ARG A 51 -26.46 -4.86 -12.25
C ARG A 51 -27.55 -5.65 -12.99
N CYS A 52 -28.78 -5.17 -12.97
CA CYS A 52 -29.90 -5.82 -13.65
C CYS A 52 -29.86 -5.52 -15.14
N GLY A 53 -28.96 -4.62 -15.53
CA GLY A 53 -28.87 -4.27 -16.94
C GLY A 53 -29.65 -3.03 -17.28
N ILE A 54 -30.04 -2.26 -16.27
CA ILE A 54 -30.78 -1.03 -16.48
C ILE A 54 -29.83 0.17 -16.59
N GLU A 55 -29.95 0.96 -17.66
CA GLU A 55 -29.13 2.16 -17.83
C GLU A 55 -29.40 3.00 -16.58
N THR A 56 -28.42 3.08 -15.70
CA THR A 56 -28.61 3.81 -14.45
C THR A 56 -27.60 4.91 -14.16
N ARG A 57 -28.11 6.02 -13.66
CA ARG A 57 -27.24 7.12 -13.28
C ARG A 57 -27.55 7.55 -11.86
N LEU A 58 -26.55 7.41 -10.99
CA LEU A 58 -26.65 7.81 -9.60
C LEU A 58 -26.13 9.24 -9.46
N ILE A 59 -26.98 10.15 -9.00
CA ILE A 59 -26.60 11.53 -8.80
C ILE A 59 -26.49 11.73 -7.29
N ALA A 60 -25.26 11.66 -6.79
CA ALA A 60 -25.01 11.80 -5.37
C ALA A 60 -23.67 12.52 -5.16
N ALA A 61 -23.53 13.16 -4.01
CA ALA A 61 -22.31 13.91 -3.73
C ALA A 61 -21.35 13.17 -2.80
N THR A 62 -20.06 13.29 -3.10
CA THR A 62 -18.99 12.71 -2.28
C THR A 62 -18.06 13.89 -1.98
N GLY A 63 -17.45 13.90 -0.80
CA GLY A 63 -16.55 14.97 -0.41
C GLY A 63 -15.07 14.75 -0.70
N ASN A 64 -14.24 15.68 -0.23
CA ASN A 64 -12.80 15.63 -0.46
C ASN A 64 -12.04 15.05 0.73
N ASP A 65 -12.38 13.83 1.12
CA ASP A 65 -11.73 13.15 2.25
C ASP A 65 -11.36 11.71 1.88
N SER A 66 -10.87 10.95 2.85
CA SER A 66 -10.50 9.56 2.60
C SER A 66 -11.70 8.75 2.12
N ASN A 67 -12.80 8.87 2.84
CA ASN A 67 -14.01 8.14 2.50
C ASN A 67 -14.54 8.51 1.12
N GLY A 68 -14.21 9.71 0.66
CA GLY A 68 -14.68 10.14 -0.64
C GLY A 68 -13.94 9.46 -1.78
N ALA A 69 -12.62 9.43 -1.66
CA ALA A 69 -11.79 8.82 -2.67
C ALA A 69 -12.10 7.34 -2.73
N TRP A 70 -12.36 6.75 -1.56
CA TRP A 70 -12.67 5.32 -1.49
C TRP A 70 -14.00 5.02 -2.22
N ILE A 71 -15.01 5.85 -1.97
CA ILE A 71 -16.30 5.66 -2.61
C ILE A 71 -16.11 5.79 -4.11
N ARG A 72 -15.46 6.87 -4.54
CA ARG A 72 -15.21 7.07 -5.96
C ARG A 72 -14.50 5.83 -6.53
N GLN A 73 -13.63 5.25 -5.73
CA GLN A 73 -12.85 4.10 -6.15
C GLN A 73 -13.63 2.78 -6.23
N GLN A 74 -14.47 2.53 -5.22
CA GLN A 74 -15.29 1.31 -5.17
C GLN A 74 -16.36 1.31 -6.26
N ILE A 75 -16.91 2.48 -6.56
CA ILE A 75 -17.94 2.59 -7.58
C ILE A 75 -17.43 2.23 -8.98
N LYS A 76 -16.16 2.51 -9.25
CA LYS A 76 -15.59 2.17 -10.56
C LYS A 76 -15.79 0.71 -10.91
N ASN A 77 -16.02 -0.13 -9.89
CA ASN A 77 -16.22 -1.56 -10.10
C ASN A 77 -17.66 -1.94 -10.46
N GLU A 78 -18.58 -1.01 -10.36
CA GLU A 78 -19.97 -1.30 -10.69
C GLU A 78 -20.30 -0.72 -12.06
N PRO A 79 -21.25 -1.34 -12.78
CA PRO A 79 -21.64 -0.84 -14.11
C PRO A 79 -22.41 0.47 -13.99
N LEU A 80 -22.50 0.92 -12.74
CA LEU A 80 -23.20 2.14 -12.40
C LEU A 80 -22.42 3.38 -12.79
N LEU A 82 -21.76 7.23 -11.78
CA LEU A 82 -21.94 8.18 -10.70
C LEU A 82 -21.70 9.63 -11.12
N LEU A 83 -22.62 10.51 -10.70
CA LEU A 83 -22.53 11.93 -11.01
C LEU A 83 -22.82 12.74 -9.74
N PRO A 84 -22.21 13.92 -9.62
CA PRO A 84 -21.29 14.47 -10.62
C PRO A 84 -19.88 13.89 -10.52
N ASP A 85 -19.08 14.23 -11.53
CA ASP A 85 -17.68 13.82 -11.61
C ASP A 85 -16.95 14.78 -10.66
N GLY A 86 -15.88 14.31 -10.04
CA GLY A 86 -15.20 15.19 -9.13
C GLY A 86 -15.93 15.09 -7.81
N HIS A 87 -15.73 16.04 -6.90
CA HIS A 87 -16.36 15.95 -5.60
C HIS A 87 -16.51 17.28 -4.90
N PHE A 88 -16.96 17.22 -3.65
CA PHE A 88 -17.17 18.41 -2.83
C PHE A 88 -16.30 18.38 -1.56
N ASN A 89 -16.92 18.45 -0.37
CA ASN A 89 -16.15 18.49 0.89
C ASN A 89 -16.76 17.73 2.07
N GLN A 90 -16.05 16.72 2.58
CA GLN A 90 -16.49 15.89 3.73
C GLN A 90 -17.92 15.37 3.63
N HIS A 91 -18.03 14.10 3.30
CA HIS A 91 -19.33 13.47 3.08
C HIS A 91 -19.86 12.38 4.02
N SER A 92 -21.12 12.11 3.73
CA SER A 92 -21.95 11.16 4.40
C SER A 92 -21.28 9.80 4.59
N ASP A 93 -21.52 9.22 5.75
CA ASP A 93 -20.97 7.93 6.10
C ASP A 93 -21.45 7.68 7.52
N THR A 94 -21.41 6.43 7.98
CA THR A 94 -21.89 6.15 9.31
C THR A 94 -21.02 5.20 10.11
N SER A 95 -20.91 5.46 11.41
CA SER A 95 -20.13 4.63 12.30
C SER A 95 -21.11 3.64 12.91
N ILE A 96 -20.83 2.35 12.73
CA ILE A 96 -21.67 1.30 13.26
C ILE A 96 -20.95 0.66 14.44
N ILE A 97 -21.29 1.13 15.64
CA ILE A 97 -20.65 0.64 16.87
C ILE A 97 -21.10 -0.74 17.32
N LEU A 98 -20.41 -1.79 16.86
CA LEU A 98 -20.74 -3.15 17.25
C LEU A 98 -20.09 -3.53 18.57
N ASN A 99 -20.89 -3.64 19.63
CA ASN A 99 -20.37 -3.98 20.94
C ASN A 99 -20.15 -5.47 21.13
N SER A 100 -19.89 -5.83 22.38
CA SER A 100 -19.61 -7.20 22.80
C SER A 100 -20.87 -7.79 23.46
N ALA A 101 -20.70 -8.36 24.66
CA ALA A 101 -21.81 -8.90 25.44
C ALA A 101 -23.04 -8.07 25.09
N ASP A 102 -22.86 -6.77 25.31
CA ASP A 102 -23.86 -5.74 25.06
C ASP A 102 -24.49 -5.94 23.70
N GLY A 103 -25.77 -6.26 23.71
CA GLY A 103 -26.52 -6.53 22.50
C GLY A 103 -26.30 -5.75 21.21
N ASP A 104 -27.36 -5.03 20.85
CA ASP A 104 -27.42 -4.28 19.60
C ASP A 104 -26.42 -3.16 19.35
N ASN A 105 -26.25 -2.84 18.07
CA ASN A 105 -25.34 -1.80 17.62
C ASN A 105 -25.89 -0.39 17.75
N ALA A 106 -25.02 0.52 18.16
CA ALA A 106 -25.39 1.93 18.26
C ALA A 106 -24.89 2.48 16.93
N ILE A 107 -25.55 3.50 16.40
CA ILE A 107 -25.13 4.04 15.11
C ILE A 107 -25.16 5.56 15.06
N ILE A 108 -24.12 6.13 14.46
CA ILE A 108 -24.00 7.57 14.29
C ILE A 108 -23.85 7.77 12.80
N THR A 109 -24.65 8.64 12.22
CA THR A 109 -24.58 8.88 10.80
C THR A 109 -24.47 10.35 10.49
N THR A 110 -23.75 10.67 9.43
CA THR A 110 -23.59 12.06 9.03
C THR A 110 -24.10 12.15 7.60
N THR A 111 -24.45 13.37 7.20
CA THR A 111 -24.92 13.63 5.85
C THR A 111 -23.99 14.73 5.36
N ALA A 112 -24.44 15.97 5.47
CA ALA A 112 -23.62 17.10 5.06
C ALA A 112 -23.39 17.13 3.57
N ALA A 113 -22.94 16.02 3.00
CA ALA A 113 -22.72 15.96 1.56
C ALA A 113 -24.07 16.09 0.88
N ALA A 114 -25.04 15.29 1.35
CA ALA A 114 -26.38 15.31 0.78
C ALA A 114 -27.10 16.63 1.11
N ASP A 115 -27.01 17.03 2.38
CA ASP A 115 -27.64 18.28 2.84
C ASP A 115 -27.20 19.47 2.01
N THR A 116 -25.98 19.42 1.49
CA THR A 116 -25.44 20.53 0.71
C THR A 116 -25.47 20.34 -0.81
N PHE A 117 -25.84 19.13 -1.23
CA PHE A 117 -25.95 18.81 -2.66
C PHE A 117 -27.21 19.55 -3.15
N SER A 118 -27.04 20.80 -3.54
CA SER A 118 -28.15 21.63 -3.98
C SER A 118 -28.65 21.31 -5.38
N LEU A 119 -29.80 21.87 -5.74
CA LEU A 119 -30.28 21.70 -7.10
C LEU A 119 -29.19 22.45 -7.89
N ASP A 120 -29.39 22.70 -9.18
CA ASP A 120 -28.36 23.41 -9.95
C ASP A 120 -27.10 22.55 -10.01
N GLU A 121 -26.90 21.78 -8.95
CA GLU A 121 -25.75 20.90 -8.83
C GLU A 121 -26.19 19.54 -9.36
N ILE A 123 -29.70 18.83 -10.94
CA ILE A 123 -30.52 19.00 -12.14
C ILE A 123 -29.85 18.93 -13.51
N PRO A 124 -28.73 19.62 -13.72
CA PRO A 124 -28.14 19.51 -15.06
C PRO A 124 -27.74 18.09 -15.45
N HIS A 125 -27.69 17.20 -14.47
CA HIS A 125 -27.29 15.81 -14.74
C HIS A 125 -28.42 15.00 -15.35
N ALA A 127 -30.20 16.42 -17.85
CA ALA A 127 -30.45 17.20 -19.06
C ALA A 127 -30.74 16.30 -20.25
N ASP A 128 -30.27 15.06 -20.19
CA ASP A 128 -30.47 14.11 -21.27
C ASP A 128 -31.71 13.25 -21.05
N ALA A 129 -32.35 13.43 -19.90
CA ALA A 129 -33.56 12.67 -19.57
C ALA A 129 -34.68 13.00 -20.53
N VAL A 130 -35.58 12.03 -20.76
CA VAL A 130 -36.73 12.21 -21.65
C VAL A 130 -37.96 11.58 -21.01
N ALA A 131 -39.14 11.82 -21.59
CA ALA A 131 -40.37 11.25 -21.06
C ALA A 131 -40.24 9.74 -21.08
N GLY A 132 -40.65 9.06 -20.01
CA GLY A 132 -40.50 7.62 -19.95
C GLY A 132 -39.37 7.25 -19.00
N ASP A 133 -38.33 8.07 -18.96
CA ASP A 133 -37.23 7.80 -18.05
C ASP A 133 -37.78 7.91 -16.62
N ILE A 134 -37.08 7.28 -15.68
CA ILE A 134 -37.51 7.26 -14.28
C ILE A 134 -36.64 8.10 -13.37
N LEU A 135 -37.28 8.73 -12.38
CA LEU A 135 -36.60 9.51 -11.37
C LEU A 135 -36.88 8.77 -10.07
N LEU A 136 -35.87 8.09 -9.54
CA LEU A 136 -36.03 7.36 -8.28
C LEU A 136 -35.42 8.24 -7.19
N GLN A 137 -36.18 8.46 -6.12
CA GLN A 137 -35.70 9.32 -5.05
C GLN A 137 -36.04 8.68 -3.71
N GLN A 138 -35.14 8.79 -2.74
CA GLN A 138 -35.42 8.23 -1.42
C GLN A 138 -35.75 9.35 -0.44
N GLY A 139 -35.43 9.14 0.84
CA GLY A 139 -35.74 10.14 1.83
C GLY A 139 -34.60 11.04 2.25
N ASN A 140 -33.45 10.90 1.61
CA ASN A 140 -32.29 11.72 1.97
C ASN A 140 -32.23 13.03 1.20
N PHE A 141 -33.04 14.00 1.63
CA PHE A 141 -33.14 15.36 1.06
C PHE A 141 -34.34 16.05 1.70
N SER A 142 -34.24 17.37 1.86
CA SER A 142 -35.32 18.15 2.46
C SER A 142 -36.60 18.04 1.65
N LEU A 143 -37.71 18.52 2.20
CA LEU A 143 -38.97 18.49 1.48
C LEU A 143 -38.92 19.38 0.25
N ASP A 144 -38.42 20.61 0.42
CA ASP A 144 -38.34 21.53 -0.71
C ASP A 144 -37.41 21.01 -1.81
N LYS A 145 -36.32 20.38 -1.42
CA LYS A 145 -35.41 19.84 -2.42
C LYS A 145 -36.09 18.65 -3.12
N THR A 146 -36.62 17.72 -2.34
CA THR A 146 -37.28 16.55 -2.92
C THR A 146 -38.42 16.95 -3.86
N ARG A 147 -39.30 17.83 -3.39
CA ARG A 147 -40.43 18.30 -4.21
C ARG A 147 -39.94 18.91 -5.50
N ALA A 148 -38.97 19.80 -5.40
CA ALA A 148 -38.40 20.46 -6.56
C ALA A 148 -37.94 19.43 -7.61
N LEU A 149 -37.37 18.32 -7.14
CA LEU A 149 -36.88 17.29 -8.05
C LEU A 149 -38.03 16.56 -8.75
N PHE A 150 -39.07 16.21 -7.99
CA PHE A 150 -40.20 15.50 -8.59
C PHE A 150 -40.93 16.38 -9.62
N GLN A 151 -41.02 17.69 -9.36
CA GLN A 151 -41.68 18.61 -10.29
C GLN A 151 -40.89 18.71 -11.58
N TYR A 152 -39.57 18.81 -11.47
CA TYR A 152 -38.76 18.87 -12.67
C TYR A 152 -39.04 17.59 -13.44
N ALA A 153 -39.01 16.46 -12.75
CA ALA A 153 -39.26 15.16 -13.37
C ALA A 153 -40.64 15.21 -14.05
N ARG A 154 -41.68 15.43 -13.27
CA ARG A 154 -43.05 15.51 -13.80
C ARG A 154 -43.15 16.53 -14.93
N SER A 155 -42.12 17.35 -15.07
CA SER A 155 -42.09 18.38 -16.08
C SER A 155 -41.46 17.94 -17.39
N ARG A 156 -41.01 16.69 -17.46
CA ARG A 156 -40.39 16.19 -18.67
C ARG A 156 -40.96 14.85 -19.13
N GLY A 157 -42.01 14.38 -18.45
CA GLY A 157 -42.63 13.13 -18.81
C GLY A 157 -42.05 11.94 -18.07
N THR A 159 -41.21 9.24 -15.14
CA THR A 159 -42.01 8.47 -14.18
C THR A 159 -41.32 8.64 -12.84
N THR A 160 -42.08 9.03 -11.83
CA THR A 160 -41.52 9.27 -10.52
C THR A 160 -41.72 8.14 -9.52
N VAL A 161 -40.62 7.70 -8.91
CA VAL A 161 -40.65 6.63 -7.92
C VAL A 161 -40.16 7.19 -6.60
N PHE A 162 -40.93 6.96 -5.54
CA PHE A 162 -40.62 7.49 -4.22
C PHE A 162 -40.54 6.42 -3.12
N ASN A 163 -39.49 6.49 -2.33
CA ASN A 163 -39.26 5.57 -1.20
C ASN A 163 -38.79 6.44 -0.01
N PRO A 164 -39.72 7.19 0.61
CA PRO A 164 -39.50 8.10 1.76
C PRO A 164 -38.82 7.51 2.99
N SER A 165 -37.54 7.20 2.85
CA SER A 165 -36.75 6.64 3.93
C SER A 165 -35.35 7.25 3.82
N PRO A 166 -34.90 7.98 4.87
CA PRO A 166 -35.52 8.29 6.16
C PRO A 166 -36.82 9.04 5.95
N VAL A 167 -37.80 8.76 6.81
CA VAL A 167 -39.10 9.38 6.67
C VAL A 167 -39.24 10.77 7.29
N ASN A 168 -39.81 11.68 6.52
CA ASN A 168 -40.08 13.04 6.96
C ASN A 168 -41.60 13.11 6.92
N PRO A 169 -42.24 13.58 8.01
CA PRO A 169 -43.70 13.70 8.10
C PRO A 169 -44.33 14.54 6.99
N ASP A 170 -43.61 15.57 6.53
CA ASP A 170 -44.15 16.43 5.49
C ASP A 170 -44.09 15.86 4.10
N PHE A 171 -43.43 14.71 3.94
CA PHE A 171 -43.36 14.06 2.65
C PHE A 171 -44.83 13.76 2.31
N CYS A 172 -45.65 13.90 3.34
CA CYS A 172 -47.10 13.70 3.29
C CYS A 172 -47.80 14.47 2.17
N HIS A 173 -47.22 15.59 1.75
CA HIS A 173 -47.81 16.44 0.72
C HIS A 173 -47.39 16.15 -0.73
N LEU A 174 -46.42 15.27 -0.93
CA LEU A 174 -45.90 14.98 -2.27
C LEU A 174 -46.65 13.97 -3.14
N TRP A 175 -47.49 13.15 -2.53
CA TRP A 175 -48.20 12.10 -3.27
C TRP A 175 -48.69 12.44 -4.67
N PRO A 176 -49.23 13.66 -4.89
CA PRO A 176 -49.69 13.95 -6.25
C PRO A 176 -48.57 13.91 -7.30
N LEU A 177 -47.33 14.09 -6.87
CA LEU A 177 -46.20 14.07 -7.80
C LEU A 177 -45.60 12.70 -8.03
N ILE A 178 -46.10 11.70 -7.31
CA ILE A 178 -45.56 10.35 -7.39
C ILE A 178 -46.38 9.34 -8.17
N ASP A 179 -45.72 8.57 -9.04
CA ASP A 179 -46.40 7.54 -9.82
C ASP A 179 -46.30 6.18 -9.12
N ILE A 180 -45.12 5.89 -8.57
CA ILE A 180 -44.85 4.64 -7.89
C ILE A 180 -44.31 4.92 -6.49
N ALA A 181 -45.01 4.45 -5.47
CA ALA A 181 -44.57 4.66 -4.10
C ALA A 181 -44.18 3.31 -3.49
N VAL A 182 -43.00 3.25 -2.90
CA VAL A 182 -42.54 2.02 -2.26
C VAL A 182 -42.38 2.40 -0.80
N VAL A 183 -43.16 1.76 0.06
CA VAL A 183 -43.15 2.09 1.49
C VAL A 183 -43.30 0.88 2.42
N ASN A 184 -42.77 0.97 3.64
CA ASN A 184 -42.93 -0.13 4.58
C ASN A 184 -44.16 0.16 5.45
N GLU A 185 -44.40 -0.68 6.45
CA GLU A 185 -45.56 -0.51 7.34
C GLU A 185 -45.63 0.87 7.97
N SER A 186 -44.68 1.16 8.84
CA SER A 186 -44.66 2.43 9.53
C SER A 186 -44.79 3.61 8.58
N GLU A 187 -44.08 3.57 7.45
CA GLU A 187 -44.17 4.68 6.50
C GLU A 187 -45.54 4.77 5.82
N ALA A 188 -46.18 3.62 5.62
CA ALA A 188 -47.49 3.59 4.99
C ALA A 188 -48.49 4.33 5.90
N GLU A 189 -48.46 4.00 7.18
CA GLU A 189 -49.31 4.65 8.18
C GLU A 189 -48.55 5.93 8.49
N LEU A 190 -49.23 7.07 8.61
CA LEU A 190 -48.50 8.32 8.83
C LEU A 190 -47.75 8.47 7.50
N LEU A 191 -48.11 9.48 6.73
CA LEU A 191 -47.57 9.74 5.38
C LEU A 191 -48.76 9.41 4.50
N GLN A 192 -49.48 8.37 4.92
CA GLN A 192 -50.69 7.87 4.26
C GLN A 192 -50.78 8.10 2.75
N PRO A 193 -49.98 7.37 1.96
CA PRO A 193 -50.07 7.58 0.52
C PRO A 193 -51.47 7.36 -0.06
N TYR A 194 -51.82 8.17 -1.05
CA TYR A 194 -53.12 8.11 -1.73
C TYR A 194 -53.02 8.55 -3.19
N GLY A 195 -53.93 8.07 -4.03
CA GLY A 195 -53.92 8.48 -5.42
C GLY A 195 -52.70 8.06 -6.23
N VAL A 196 -51.85 7.21 -5.65
CA VAL A 196 -50.67 6.75 -6.36
C VAL A 196 -51.10 5.62 -7.30
N LYS A 197 -50.68 5.69 -8.56
CA LYS A 197 -51.08 4.65 -9.49
C LYS A 197 -50.56 3.27 -9.13
N THR A 198 -49.45 3.20 -8.39
CA THR A 198 -48.93 1.91 -7.94
C THR A 198 -48.44 2.08 -6.51
N LEU A 199 -48.96 1.26 -5.60
CA LEU A 199 -48.52 1.36 -4.22
C LEU A 199 -47.96 0.03 -3.74
N VAL A 200 -46.71 0.05 -3.28
CA VAL A 200 -46.06 -1.16 -2.79
C VAL A 200 -45.76 -0.99 -1.30
N ILE A 201 -46.32 -1.86 -0.48
CA ILE A 201 -46.09 -1.81 0.96
C ILE A 201 -45.22 -2.99 1.39
N THR A 202 -43.97 -2.68 1.71
CA THR A 202 -42.97 -3.64 2.12
C THR A 202 -43.19 -4.12 3.56
N GLN A 203 -43.13 -5.44 3.76
CA GLN A 203 -43.29 -6.00 5.09
C GLN A 203 -42.23 -7.04 5.39
N GLY A 204 -41.10 -6.92 4.68
CA GLY A 204 -39.97 -7.81 4.85
C GLY A 204 -40.26 -9.29 4.80
N ALA A 205 -39.94 -9.99 5.89
CA ALA A 205 -40.19 -11.43 5.94
C ALA A 205 -41.66 -11.73 5.77
N ALA A 206 -42.50 -10.76 6.16
CA ALA A 206 -43.94 -10.93 6.07
C ALA A 206 -44.51 -10.66 4.67
N GLY A 207 -43.62 -10.58 3.67
CA GLY A 207 -44.10 -10.34 2.31
C GLY A 207 -44.25 -8.89 1.93
N ALA A 208 -45.00 -8.63 0.87
CA ALA A 208 -45.20 -7.28 0.36
C ALA A 208 -46.52 -7.17 -0.38
N TRP A 209 -47.12 -5.98 -0.37
CA TRP A 209 -48.36 -5.76 -1.07
C TRP A 209 -48.22 -4.86 -2.27
N LEU A 210 -48.97 -5.19 -3.32
CA LEU A 210 -48.99 -4.40 -4.54
C LEU A 210 -50.40 -3.85 -4.59
N VAL A 211 -50.55 -2.53 -4.58
CA VAL A 211 -51.86 -1.93 -4.55
C VAL A 211 -52.13 -0.81 -5.56
N GLN A 212 -53.42 -0.71 -5.93
CA GLN A 212 -54.00 0.29 -6.84
C GLN A 212 -54.62 -0.21 -8.13
N GLU A 213 -55.58 0.58 -8.62
CA GLU A 213 -56.35 0.27 -9.82
C GLU A 213 -57.34 -0.78 -9.31
N GLY A 214 -57.63 -0.69 -8.01
CA GLY A 214 -58.53 -1.64 -7.38
C GLY A 214 -57.73 -2.75 -6.72
N GLN A 215 -57.05 -3.53 -7.56
CA GLN A 215 -56.23 -4.66 -7.16
C GLN A 215 -55.43 -4.53 -5.85
N ARG A 216 -55.40 -5.63 -5.11
CA ARG A 216 -54.63 -5.74 -3.88
C ARG A 216 -53.98 -7.08 -4.09
N GLN A 217 -52.66 -7.09 -4.24
CA GLN A 217 -51.96 -8.35 -4.44
C GLN A 217 -50.87 -8.49 -3.38
N PHE A 218 -50.85 -9.65 -2.73
CA PHE A 218 -49.85 -9.92 -1.72
C PHE A 218 -48.83 -10.91 -2.25
N CYS A 219 -47.57 -10.69 -1.93
CA CYS A 219 -46.52 -11.60 -2.38
C CYS A 219 -45.71 -12.02 -1.17
N PRO A 220 -45.86 -13.29 -0.75
CA PRO A 220 -45.12 -13.80 0.40
C PRO A 220 -43.61 -13.77 0.13
N ALA A 221 -42.83 -13.63 1.20
CA ALA A 221 -41.38 -13.55 1.09
C ALA A 221 -40.74 -14.93 0.98
N VAL A 222 -39.45 -14.96 0.69
CA VAL A 222 -38.73 -16.22 0.62
C VAL A 222 -38.34 -16.44 2.07
N PRO A 223 -38.96 -17.43 2.74
CA PRO A 223 -38.66 -17.73 4.14
C PRO A 223 -37.21 -18.20 4.24
N ALA A 224 -36.59 -18.04 5.40
CA ALA A 224 -35.19 -18.45 5.58
C ALA A 224 -34.61 -17.96 6.90
N GLU A 225 -34.42 -16.66 6.98
CA GLU A 225 -33.88 -15.94 8.13
C GLU A 225 -32.56 -15.24 7.80
N ALA A 226 -32.62 -13.93 7.99
CA ALA A 226 -31.51 -13.06 7.72
C ALA A 226 -30.22 -13.43 8.43
N LEU A 227 -29.11 -13.30 7.70
CA LEU A 227 -27.79 -13.51 8.24
C LEU A 227 -27.40 -12.06 8.54
N ASP A 228 -27.83 -11.19 7.62
CA ASP A 228 -27.60 -9.76 7.69
C ASP A 228 -28.65 -9.03 6.83
N THR A 229 -29.67 -8.52 7.50
CA THR A 229 -30.78 -7.79 6.90
C THR A 229 -30.38 -6.57 6.05
N THR A 230 -29.14 -6.12 6.18
CA THR A 230 -28.67 -4.95 5.46
C THR A 230 -28.97 -4.95 3.95
N GLY A 231 -29.59 -3.87 3.48
CA GLY A 231 -29.89 -3.73 2.06
C GLY A 231 -31.00 -4.59 1.46
N ALA A 232 -31.82 -5.20 2.31
CA ALA A 232 -32.92 -6.05 1.81
C ALA A 232 -33.94 -5.17 1.11
N GLY A 233 -34.28 -4.08 1.78
CA GLY A 233 -35.25 -3.14 1.24
C GLY A 233 -34.88 -2.56 -0.10
N ASP A 234 -33.67 -2.00 -0.25
CA ASP A 234 -33.32 -1.44 -1.53
C ASP A 234 -33.05 -2.49 -2.59
N THR A 235 -32.75 -3.71 -2.18
CA THR A 235 -32.56 -4.80 -3.13
C THR A 235 -33.95 -5.12 -3.68
N PHE A 236 -34.93 -5.13 -2.77
CA PHE A 236 -36.31 -5.40 -3.16
C PHE A 236 -36.83 -4.35 -4.15
N LEU A 237 -36.67 -3.07 -3.80
CA LEU A 237 -37.14 -1.98 -4.66
C LEU A 237 -36.49 -2.00 -6.03
N ALA A 238 -35.16 -2.11 -6.05
CA ALA A 238 -34.41 -2.12 -7.29
C ALA A 238 -34.78 -3.27 -8.25
N VAL A 239 -34.77 -4.50 -7.74
CA VAL A 239 -35.10 -5.64 -8.59
C VAL A 239 -36.54 -5.55 -9.06
N LEU A 241 -38.32 -2.86 -9.72
CA LEU A 241 -38.34 -1.88 -10.78
C LEU A 241 -37.75 -2.46 -12.07
N ALA A 242 -36.58 -3.09 -11.93
CA ALA A 242 -35.89 -3.67 -13.07
C ALA A 242 -36.75 -4.72 -13.79
N SER A 243 -37.40 -5.57 -13.01
CA SER A 243 -38.24 -6.60 -13.58
C SER A 243 -39.31 -5.98 -14.47
N ALA A 244 -40.05 -5.03 -13.93
CA ALA A 244 -41.10 -4.38 -14.71
C ALA A 244 -40.50 -3.62 -15.88
N LEU A 245 -39.35 -3.01 -15.66
CA LEU A 245 -38.67 -2.25 -16.69
C LEU A 245 -38.27 -3.17 -17.86
N LEU A 246 -37.68 -4.31 -17.54
CA LEU A 246 -37.25 -5.24 -18.58
C LEU A 246 -38.40 -5.86 -19.37
N ARG A 247 -39.55 -6.05 -18.74
CA ARG A 247 -40.70 -6.63 -19.41
C ARG A 247 -41.68 -5.56 -19.89
N GLY A 248 -41.21 -4.31 -19.90
CA GLY A 248 -42.02 -3.21 -20.36
C GLY A 248 -43.42 -3.04 -19.81
N VAL A 249 -43.60 -3.23 -18.51
CA VAL A 249 -44.92 -3.07 -17.90
C VAL A 249 -44.81 -2.30 -16.59
N ALA A 250 -45.94 -2.04 -15.97
CA ALA A 250 -45.95 -1.34 -14.69
C ALA A 250 -45.65 -2.44 -13.68
N PRO A 251 -45.17 -2.07 -12.48
CA PRO A 251 -44.88 -3.14 -11.50
C PRO A 251 -46.09 -4.05 -11.32
N ASP A 252 -45.85 -5.36 -11.45
CA ASP A 252 -46.90 -6.36 -11.33
C ASP A 252 -46.52 -7.46 -10.32
N ALA A 253 -47.31 -8.53 -10.30
CA ALA A 253 -47.07 -9.62 -9.37
C ALA A 253 -45.72 -10.29 -9.56
N LEU A 254 -45.36 -10.50 -10.83
CA LEU A 254 -44.11 -11.15 -11.15
C LEU A 254 -42.93 -10.28 -10.73
N ALA A 255 -43.08 -8.97 -10.82
CA ALA A 255 -42.00 -8.05 -10.42
C ALA A 255 -41.72 -8.20 -8.92
N LEU A 256 -42.79 -8.43 -8.13
CA LEU A 256 -42.62 -8.60 -6.69
C LEU A 256 -41.98 -9.94 -6.31
N ALA A 257 -42.30 -11.02 -7.03
CA ALA A 257 -41.70 -12.31 -6.71
C ALA A 257 -40.21 -12.29 -7.05
N HIS A 258 -39.83 -11.63 -8.15
CA HIS A 258 -38.41 -11.53 -8.51
C HIS A 258 -37.68 -10.76 -7.42
N ALA A 259 -38.25 -9.63 -7.01
CA ALA A 259 -37.66 -8.80 -5.97
C ALA A 259 -37.53 -9.58 -4.67
N SER A 260 -38.51 -10.44 -4.40
CA SER A 260 -38.50 -11.22 -3.16
C SER A 260 -37.38 -12.25 -3.25
N ARG A 261 -37.16 -12.76 -4.45
CA ARG A 261 -36.12 -13.75 -4.65
C ARG A 261 -34.77 -13.08 -4.48
N ALA A 262 -34.61 -11.87 -5.01
CA ALA A 262 -33.36 -11.14 -4.91
C ALA A 262 -33.02 -10.76 -3.47
N ALA A 263 -34.00 -10.24 -2.74
CA ALA A 263 -33.77 -9.83 -1.35
C ALA A 263 -33.35 -11.01 -0.48
N ALA A 264 -33.84 -12.20 -0.81
CA ALA A 264 -33.48 -13.39 -0.03
C ALA A 264 -31.98 -13.62 -0.15
N ILE A 265 -31.44 -13.40 -1.34
CA ILE A 265 -30.02 -13.55 -1.61
C ILE A 265 -29.22 -12.54 -0.80
N THR A 266 -29.56 -11.26 -0.95
CA THR A 266 -28.89 -10.17 -0.24
C THR A 266 -28.81 -10.41 1.27
N VAL A 267 -29.94 -10.82 1.85
CA VAL A 267 -30.01 -11.04 3.29
C VAL A 267 -29.27 -12.28 3.81
N SER A 268 -28.85 -13.17 2.91
CA SER A 268 -28.14 -14.36 3.31
C SER A 268 -26.62 -14.13 3.38
N ARG A 269 -26.20 -12.96 2.90
CA ARG A 269 -24.78 -12.60 2.89
C ARG A 269 -24.56 -11.34 3.70
N ARG A 270 -23.35 -11.21 4.23
CA ARG A 270 -23.02 -10.04 5.04
C ARG A 270 -22.57 -8.86 4.17
N GLY A 271 -22.97 -7.66 4.58
CA GLY A 271 -22.57 -6.48 3.84
C GLY A 271 -23.54 -6.00 2.77
N THR A 272 -23.03 -5.17 1.86
CA THR A 272 -23.82 -4.63 0.79
C THR A 272 -23.26 -5.04 -0.58
N LEU A 273 -22.40 -4.21 -1.16
CA LEU A 273 -21.85 -4.50 -2.47
C LEU A 273 -21.39 -5.94 -2.68
N SER A 274 -20.90 -6.57 -1.62
CA SER A 274 -20.43 -7.94 -1.75
C SER A 274 -21.51 -8.95 -1.39
N ALA A 275 -22.67 -8.46 -0.94
CA ALA A 275 -23.77 -9.34 -0.56
C ALA A 275 -24.91 -9.39 -1.58
N PHE A 276 -25.19 -8.27 -2.24
CA PHE A 276 -26.28 -8.23 -3.22
C PHE A 276 -26.06 -9.30 -4.29
N PRO A 277 -27.13 -9.60 -5.07
CA PRO A 277 -26.94 -10.61 -6.12
C PRO A 277 -26.10 -10.01 -7.24
N GLY A 278 -25.26 -10.84 -7.86
CA GLY A 278 -24.45 -10.35 -8.95
C GLY A 278 -25.26 -10.29 -10.24
N SER A 279 -24.69 -9.70 -11.29
CA SER A 279 -25.39 -9.59 -12.55
C SER A 279 -25.87 -10.93 -13.12
N ARG A 280 -25.03 -11.96 -13.10
CA ARG A 280 -25.47 -13.24 -13.63
C ARG A 280 -26.58 -13.85 -12.76
N GLU A 281 -26.49 -13.67 -11.45
CA GLU A 281 -27.52 -14.20 -10.55
C GLU A 281 -28.83 -13.47 -10.83
N LEU A 282 -28.74 -12.17 -11.07
CA LEU A 282 -29.92 -11.39 -11.36
C LEU A 282 -30.53 -11.82 -12.68
N ALA A 283 -29.69 -11.93 -13.71
CA ALA A 283 -30.16 -12.36 -15.02
C ALA A 283 -30.92 -13.68 -14.88
N ALA A 284 -30.36 -14.62 -14.11
CA ALA A 284 -30.96 -15.93 -13.89
C ALA A 284 -32.35 -15.91 -13.22
N LEU A 285 -32.51 -15.13 -12.15
CA LEU A 285 -33.80 -15.11 -11.48
C LEU A 285 -34.81 -14.23 -12.22
N LEU A 286 -34.31 -13.27 -13.00
CA LEU A 286 -35.17 -12.36 -13.75
C LEU A 286 -35.72 -13.01 -14.99
N THR A 287 -35.12 -14.13 -15.38
CA THR A 287 -35.55 -14.85 -16.56
C THR A 287 -36.72 -15.77 -16.23
N LEU B 3 -19.69 -22.61 -16.33
CA LEU B 3 -18.83 -22.62 -15.12
C LEU B 3 -17.62 -21.70 -15.31
N ARG B 4 -17.45 -20.79 -14.36
CA ARG B 4 -16.37 -19.81 -14.38
C ARG B 4 -15.35 -20.08 -13.26
N VAL B 5 -14.07 -19.89 -13.58
CA VAL B 5 -13.01 -20.11 -12.58
C VAL B 5 -12.33 -18.79 -12.21
N TYR B 6 -12.30 -18.50 -10.92
CA TYR B 6 -11.65 -17.29 -10.43
C TYR B 6 -10.34 -17.70 -9.77
N VAL B 7 -9.26 -17.02 -10.12
CA VAL B 7 -7.97 -17.31 -9.51
C VAL B 7 -7.41 -16.05 -8.85
N THR B 8 -7.27 -16.12 -7.53
CA THR B 8 -6.74 -15.00 -6.75
C THR B 8 -5.32 -15.38 -6.41
N GLY B 9 -4.36 -14.66 -6.99
CA GLY B 9 -2.98 -14.95 -6.72
C GLY B 9 -2.04 -13.85 -7.18
N ASN B 10 -0.81 -14.22 -7.45
CA ASN B 10 0.18 -13.25 -7.89
C ASN B 10 0.56 -13.49 -9.34
N ILE B 11 1.10 -12.45 -9.96
CA ILE B 11 1.56 -12.51 -11.34
C ILE B 11 2.88 -11.75 -11.30
N THR B 12 3.92 -12.31 -11.91
CA THR B 12 5.21 -11.65 -11.86
C THR B 12 5.96 -11.71 -13.18
N VAL B 13 7.17 -11.18 -13.16
CA VAL B 13 8.04 -11.22 -14.31
C VAL B 13 9.29 -11.90 -13.79
N ASP B 14 9.62 -13.05 -14.37
CA ASP B 14 10.79 -13.83 -13.96
C ASP B 14 11.96 -13.41 -14.83
N GLU B 15 13.11 -13.11 -14.21
CA GLU B 15 14.28 -12.71 -14.96
C GLU B 15 15.44 -13.68 -14.85
N THR B 16 15.83 -14.23 -15.99
CA THR B 16 16.93 -15.18 -16.05
C THR B 16 18.20 -14.44 -16.44
N TRP B 17 19.21 -14.51 -15.58
CA TRP B 17 20.48 -13.85 -15.83
C TRP B 17 21.63 -14.86 -15.78
N SER B 18 22.46 -14.84 -16.81
CA SER B 18 23.61 -15.73 -16.89
C SER B 18 24.87 -14.97 -16.50
N ILE B 19 25.58 -15.48 -15.51
CA ILE B 19 26.80 -14.83 -15.05
C ILE B 19 27.86 -15.86 -14.63
N PRO B 20 29.13 -15.44 -14.49
CA PRO B 20 30.16 -16.39 -14.08
C PRO B 20 29.78 -17.01 -12.74
N ASP B 21 29.34 -16.16 -11.82
CA ASP B 21 28.89 -16.59 -10.50
C ASP B 21 28.55 -15.37 -9.66
N ILE B 22 27.65 -15.58 -8.72
CA ILE B 22 27.19 -14.52 -7.84
C ILE B 22 28.32 -13.63 -7.32
N PRO B 23 28.26 -12.33 -7.63
CA PRO B 23 29.27 -11.34 -7.20
C PRO B 23 29.37 -11.35 -5.67
N LYS B 24 30.37 -10.65 -5.13
CA LYS B 24 30.55 -10.61 -3.68
C LYS B 24 30.79 -9.23 -3.06
N LYS B 25 29.72 -8.55 -2.67
CA LYS B 25 29.81 -7.24 -2.05
C LYS B 25 31.02 -6.39 -2.42
N GLY B 26 30.75 -5.32 -3.17
CA GLY B 26 31.82 -4.43 -3.58
C GLY B 26 32.11 -4.69 -5.03
N ALA B 27 32.05 -5.95 -5.37
CA ALA B 27 32.31 -6.38 -6.73
C ALA B 27 31.26 -5.90 -7.72
N SER B 28 31.72 -5.47 -8.90
CA SER B 28 30.84 -5.03 -9.98
C SER B 28 31.19 -5.94 -11.16
N ILE B 29 30.32 -6.90 -11.46
CA ILE B 29 30.60 -7.82 -12.55
C ILE B 29 29.68 -7.60 -13.72
N HIS B 30 29.89 -8.38 -14.77
CA HIS B 30 29.09 -8.31 -15.97
C HIS B 30 28.31 -9.60 -16.01
N GLY B 31 27.17 -9.56 -16.70
CA GLY B 31 26.33 -10.73 -16.83
C GLY B 31 25.43 -10.55 -18.04
N VAL B 32 24.73 -11.59 -18.43
CA VAL B 32 23.84 -11.53 -19.58
C VAL B 32 22.42 -11.78 -19.14
N LYS B 33 21.49 -10.97 -19.65
CA LYS B 33 20.08 -11.14 -19.30
C LYS B 33 19.45 -12.11 -20.29
N VAL B 34 19.47 -13.38 -19.94
CA VAL B 34 18.93 -14.43 -20.79
C VAL B 34 17.55 -14.12 -21.37
N SER B 35 16.56 -13.88 -20.51
CA SER B 35 15.22 -13.57 -20.98
C SER B 35 14.22 -13.21 -19.90
N GLN B 36 13.03 -12.82 -20.35
CA GLN B 36 11.93 -12.45 -19.48
C GLN B 36 10.67 -13.26 -19.76
N ASP B 37 9.98 -13.62 -18.69
CA ASP B 37 8.73 -14.39 -18.80
C ASP B 37 7.77 -14.04 -17.68
N ILE B 38 6.49 -14.25 -17.96
CA ILE B 38 5.43 -14.01 -17.00
C ILE B 38 5.45 -15.17 -16.00
N GLY B 39 5.67 -14.85 -14.73
CA GLY B 39 5.71 -15.89 -13.70
C GLY B 39 4.52 -15.80 -12.73
N GLY B 40 4.64 -16.45 -11.58
CA GLY B 40 3.57 -16.43 -10.58
C GLY B 40 2.65 -17.63 -10.68
N LYS B 41 2.58 -18.42 -9.61
CA LYS B 41 1.74 -19.61 -9.61
C LYS B 41 0.29 -19.31 -9.98
N GLY B 42 -0.20 -18.15 -9.53
CA GLY B 42 -1.58 -17.76 -9.84
C GLY B 42 -1.74 -17.47 -11.32
N ALA B 43 -0.77 -16.76 -11.86
CA ALA B 43 -0.79 -16.40 -13.27
C ALA B 43 -0.59 -17.65 -14.13
N ASN B 44 0.39 -18.46 -13.78
CA ASN B 44 0.69 -19.65 -14.56
C ASN B 44 -0.49 -20.59 -14.59
N GLN B 45 -1.12 -20.81 -13.45
CA GLN B 45 -2.27 -21.72 -13.37
C GLN B 45 -3.49 -21.13 -14.09
N ALA B 46 -3.69 -19.83 -13.93
CA ALA B 46 -4.83 -19.17 -14.56
C ALA B 46 -4.69 -19.16 -16.08
N ILE B 47 -3.50 -18.88 -16.58
CA ILE B 47 -3.25 -18.82 -18.03
C ILE B 47 -3.45 -20.18 -18.72
N ILE B 48 -2.84 -21.21 -18.16
CA ILE B 48 -2.97 -22.55 -18.70
C ILE B 48 -4.44 -22.95 -18.68
N LEU B 49 -5.13 -22.53 -17.62
CA LEU B 49 -6.54 -22.85 -17.47
C LEU B 49 -7.34 -22.24 -18.63
N SER B 50 -7.10 -20.96 -18.91
CA SER B 50 -7.82 -20.29 -19.97
C SER B 50 -7.52 -20.88 -21.36
N ARG B 51 -6.28 -21.33 -21.56
CA ARG B 51 -5.88 -21.90 -22.83
C ARG B 51 -6.59 -23.23 -23.07
N CYS B 52 -6.95 -23.91 -21.99
CA CYS B 52 -7.69 -25.17 -22.08
C CYS B 52 -9.14 -24.87 -22.51
N GLY B 53 -9.51 -23.59 -22.48
CA GLY B 53 -10.85 -23.21 -22.86
C GLY B 53 -11.84 -23.00 -21.72
N ILE B 54 -11.31 -22.75 -20.52
CA ILE B 54 -12.15 -22.49 -19.35
C ILE B 54 -12.29 -20.98 -19.18
N GLU B 55 -13.50 -20.50 -18.91
CA GLU B 55 -13.71 -19.07 -18.70
C GLU B 55 -12.99 -18.80 -17.40
N THR B 56 -11.87 -18.08 -17.49
CA THR B 56 -11.06 -17.80 -16.33
C THR B 56 -10.86 -16.33 -16.02
N ARG B 57 -10.76 -16.04 -14.74
CA ARG B 57 -10.57 -14.68 -14.31
C ARG B 57 -9.42 -14.66 -13.31
N LEU B 58 -8.39 -13.88 -13.60
CA LEU B 58 -7.26 -13.81 -12.70
C LEU B 58 -7.34 -12.53 -11.90
N ILE B 59 -7.26 -12.67 -10.58
CA ILE B 59 -7.31 -11.52 -9.70
C ILE B 59 -5.94 -11.43 -9.05
N ALA B 60 -5.11 -10.53 -9.59
CA ALA B 60 -3.75 -10.34 -9.11
C ALA B 60 -3.28 -8.90 -9.32
N ALA B 61 -2.45 -8.42 -8.42
CA ALA B 61 -1.96 -7.04 -8.49
C ALA B 61 -0.75 -6.88 -9.41
N THR B 62 -0.74 -5.77 -10.15
CA THR B 62 0.34 -5.46 -11.07
C THR B 62 0.85 -4.05 -10.74
N GLY B 63 2.15 -3.80 -10.93
CA GLY B 63 2.73 -2.50 -10.61
C GLY B 63 2.79 -1.47 -11.73
N ASN B 64 3.34 -0.30 -11.42
CA ASN B 64 3.43 0.79 -12.41
C ASN B 64 4.80 1.12 -13.00
N ASP B 65 5.68 0.14 -13.16
CA ASP B 65 7.00 0.34 -13.76
C ASP B 65 7.13 -0.58 -14.99
N SER B 66 8.33 -0.66 -15.56
CA SER B 66 8.58 -1.49 -16.73
C SER B 66 7.91 -2.86 -16.70
N ASN B 67 8.01 -3.55 -15.56
CA ASN B 67 7.42 -4.87 -15.45
C ASN B 67 5.89 -4.85 -15.49
N GLY B 68 5.29 -3.90 -14.78
CA GLY B 68 3.84 -3.81 -14.76
C GLY B 68 3.20 -3.70 -16.13
N ALA B 69 3.64 -2.72 -16.92
CA ALA B 69 3.10 -2.51 -18.25
C ALA B 69 3.44 -3.68 -19.16
N TRP B 70 4.61 -4.27 -18.95
CA TRP B 70 5.03 -5.41 -19.76
C TRP B 70 4.12 -6.60 -19.50
N ILE B 71 3.84 -6.85 -18.22
CA ILE B 71 2.96 -7.94 -17.81
C ILE B 71 1.60 -7.73 -18.48
N ARG B 72 1.03 -6.55 -18.28
CA ARG B 72 -0.26 -6.20 -18.87
C ARG B 72 -0.30 -6.45 -20.36
N GLN B 73 0.75 -6.02 -21.04
CA GLN B 73 0.87 -6.17 -22.47
C GLN B 73 0.92 -7.66 -22.84
N GLN B 74 1.68 -8.44 -22.08
CA GLN B 74 1.80 -9.87 -22.34
C GLN B 74 0.48 -10.59 -22.10
N ILE B 75 -0.12 -10.35 -20.94
CA ILE B 75 -1.41 -10.96 -20.57
C ILE B 75 -2.42 -10.69 -21.67
N LYS B 76 -2.29 -9.54 -22.32
CA LYS B 76 -3.23 -9.15 -23.37
C LYS B 76 -3.33 -10.18 -24.50
N ASN B 77 -2.34 -11.06 -24.63
CA ASN B 77 -2.35 -12.10 -25.67
C ASN B 77 -2.96 -13.43 -25.22
N GLU B 78 -3.39 -13.53 -23.97
CA GLU B 78 -3.96 -14.78 -23.48
C GLU B 78 -5.47 -14.59 -23.36
N PRO B 79 -6.24 -15.67 -23.54
CA PRO B 79 -7.71 -15.56 -23.44
C PRO B 79 -8.17 -15.33 -22.00
N LEU B 80 -7.22 -15.07 -21.14
CA LEU B 80 -7.45 -14.83 -19.72
C LEU B 80 -7.79 -13.38 -19.40
N LEU B 82 -7.68 -10.35 -16.80
CA LEU B 82 -6.91 -9.93 -15.64
C LEU B 82 -7.58 -8.74 -14.92
N LEU B 83 -7.74 -8.86 -13.61
CA LEU B 83 -8.36 -7.83 -12.79
C LEU B 83 -7.49 -7.56 -11.56
N PRO B 84 -7.47 -6.31 -11.07
CA PRO B 84 -8.19 -5.16 -11.60
C PRO B 84 -7.61 -4.66 -12.91
N ASP B 85 -8.30 -3.71 -13.52
CA ASP B 85 -7.90 -3.12 -14.79
C ASP B 85 -6.60 -2.31 -14.75
N GLY B 86 -6.46 -1.42 -13.77
CA GLY B 86 -5.29 -0.58 -13.67
C GLY B 86 -4.00 -1.18 -13.08
N HIS B 87 -3.26 -0.33 -12.37
CA HIS B 87 -2.00 -0.70 -11.73
C HIS B 87 -1.98 -0.15 -10.30
N PHE B 88 -0.95 -0.50 -9.53
CA PHE B 88 -0.82 -0.02 -8.15
C PHE B 88 0.60 0.43 -7.75
N ASN B 89 1.26 -0.54 -7.13
CA ASN B 89 2.60 -0.55 -6.52
C ASN B 89 3.78 -0.84 -7.47
N GLN B 90 4.74 -1.62 -6.96
CA GLN B 90 5.93 -2.06 -7.69
C GLN B 90 5.78 -3.58 -7.93
N HIS B 91 5.44 -3.94 -9.16
CA HIS B 91 5.22 -5.35 -9.58
C HIS B 91 6.10 -6.41 -8.95
N SER B 92 5.48 -7.55 -8.66
CA SER B 92 6.19 -8.67 -8.07
C SER B 92 7.06 -9.31 -9.15
N ASP B 93 8.27 -9.72 -8.77
CA ASP B 93 9.15 -10.36 -9.73
C ASP B 93 10.25 -11.13 -9.04
N THR B 94 10.91 -11.98 -9.83
CA THR B 94 11.97 -12.81 -9.30
C THR B 94 13.17 -12.81 -10.23
N SER B 95 14.37 -12.74 -9.64
CA SER B 95 15.62 -12.73 -10.37
C SER B 95 16.30 -14.11 -10.31
N ILE B 96 16.34 -14.80 -11.44
CA ILE B 96 16.98 -16.10 -11.49
C ILE B 96 18.41 -15.90 -11.95
N ILE B 97 19.33 -16.02 -11.02
CA ILE B 97 20.74 -15.80 -11.30
C ILE B 97 21.58 -17.09 -11.27
N LEU B 98 22.00 -17.53 -12.46
CA LEU B 98 22.82 -18.73 -12.58
C LEU B 98 24.20 -18.39 -13.13
N ALA B 101 28.87 -21.04 -15.37
CA ALA B 101 28.36 -22.41 -15.39
C ALA B 101 28.34 -22.98 -13.98
N ASP B 102 28.79 -22.20 -13.01
CA ASP B 102 28.82 -22.65 -11.62
C ASP B 102 27.50 -23.33 -11.25
N GLY B 103 27.60 -24.60 -10.83
CA GLY B 103 26.42 -25.36 -10.47
C GLY B 103 25.36 -24.56 -9.74
N ASN B 105 19.86 -20.96 -10.81
CA ASN B 105 20.43 -21.67 -9.68
C ASN B 105 20.41 -20.87 -8.38
N ALA B 106 20.20 -19.56 -8.49
CA ALA B 106 20.10 -18.69 -7.30
C ALA B 106 18.96 -17.73 -7.55
N ILE B 107 17.96 -17.73 -6.67
CA ILE B 107 16.81 -16.86 -6.86
C ILE B 107 16.54 -15.83 -5.76
N ILE B 108 16.15 -14.62 -6.19
CA ILE B 108 15.80 -13.56 -5.26
C ILE B 108 14.39 -13.17 -5.69
N THR B 109 13.45 -13.18 -4.75
CA THR B 109 12.07 -12.87 -5.05
C THR B 109 11.53 -11.66 -4.30
N THR B 110 10.62 -10.96 -4.97
CA THR B 110 9.98 -9.76 -4.45
C THR B 110 8.45 -9.92 -4.53
N THR B 111 7.75 -9.45 -3.49
CA THR B 111 6.29 -9.54 -3.50
C THR B 111 5.61 -8.17 -3.58
N ALA B 112 5.63 -7.41 -2.49
CA ALA B 112 5.05 -6.07 -2.44
C ALA B 112 3.64 -5.95 -3.03
N ALA B 113 3.52 -6.14 -4.33
CA ALA B 113 2.20 -6.05 -4.97
C ALA B 113 1.19 -7.02 -4.34
N ALA B 114 1.54 -8.29 -4.24
CA ALA B 114 0.63 -9.25 -3.65
C ALA B 114 0.39 -8.95 -2.17
N ASP B 115 1.45 -8.55 -1.46
CA ASP B 115 1.32 -8.26 -0.03
C ASP B 115 0.46 -7.04 0.24
N THR B 116 0.37 -6.13 -0.73
CA THR B 116 -0.39 -4.90 -0.59
C THR B 116 -1.75 -4.93 -1.29
N PHE B 117 -2.07 -6.07 -1.87
CA PHE B 117 -3.35 -6.29 -2.57
C PHE B 117 -4.38 -6.56 -1.46
N SER B 118 -5.23 -5.58 -1.16
CA SER B 118 -6.22 -5.71 -0.11
C SER B 118 -7.47 -6.46 -0.51
N LEU B 119 -8.20 -6.93 0.50
CA LEU B 119 -9.45 -7.66 0.29
C LEU B 119 -10.40 -6.72 -0.44
N ASP B 120 -10.43 -5.46 0.03
CA ASP B 120 -11.27 -4.41 -0.54
C ASP B 120 -11.08 -4.32 -2.03
N GLU B 121 -9.86 -4.59 -2.49
CA GLU B 121 -9.55 -4.51 -3.90
C GLU B 121 -9.75 -5.85 -4.59
N ILE B 123 -12.18 -8.84 -3.32
CA ILE B 123 -13.55 -9.33 -3.31
C ILE B 123 -14.47 -8.68 -4.35
N PRO B 124 -14.43 -7.34 -4.50
CA PRO B 124 -15.32 -6.75 -5.50
C PRO B 124 -15.24 -7.47 -6.84
N HIS B 125 -14.06 -7.97 -7.19
CA HIS B 125 -13.89 -8.65 -8.46
C HIS B 125 -14.54 -10.03 -8.56
N ALA B 127 -17.87 -10.17 -7.56
CA ALA B 127 -19.25 -9.77 -7.36
C ALA B 127 -20.18 -10.42 -8.37
N ASP B 128 -19.62 -11.01 -9.43
CA ASP B 128 -20.44 -11.64 -10.43
C ASP B 128 -20.27 -13.14 -10.49
N ALA B 129 -19.85 -13.71 -9.37
CA ALA B 129 -19.68 -15.15 -9.28
C ALA B 129 -21.07 -15.77 -9.10
N VAL B 130 -21.21 -17.01 -9.55
CA VAL B 130 -22.46 -17.75 -9.45
C VAL B 130 -22.14 -19.05 -8.71
N ALA B 131 -23.13 -19.64 -8.05
CA ALA B 131 -22.86 -20.89 -7.34
C ALA B 131 -22.32 -21.88 -8.39
N GLY B 132 -21.36 -22.71 -8.00
CA GLY B 132 -20.77 -23.66 -8.92
C GLY B 132 -19.43 -23.17 -9.44
N ASP B 133 -19.25 -21.85 -9.45
CA ASP B 133 -18.01 -21.27 -9.90
C ASP B 133 -16.90 -21.75 -8.99
N ILE B 134 -15.67 -21.61 -9.46
CA ILE B 134 -14.53 -22.04 -8.66
C ILE B 134 -13.59 -20.90 -8.28
N LEU B 135 -13.07 -20.98 -7.06
CA LEU B 135 -12.10 -20.03 -6.56
C LEU B 135 -10.87 -20.90 -6.33
N LEU B 136 -9.80 -20.63 -7.07
CA LEU B 136 -8.58 -21.39 -6.94
C LEU B 136 -7.55 -20.47 -6.28
N GLN B 137 -6.90 -20.96 -5.23
CA GLN B 137 -5.91 -20.15 -4.54
C GLN B 137 -4.61 -20.91 -4.30
N GLN B 138 -3.52 -20.16 -4.11
CA GLN B 138 -2.23 -20.75 -3.83
C GLN B 138 -1.86 -20.29 -2.44
N GLY B 139 -0.56 -20.30 -2.13
CA GLY B 139 -0.12 -19.86 -0.83
C GLY B 139 0.61 -18.54 -0.85
N ASN B 140 0.19 -17.64 -1.73
CA ASN B 140 0.88 -16.35 -1.83
C ASN B 140 0.38 -15.20 -0.96
N PHE B 141 -0.74 -15.41 -0.27
CA PHE B 141 -1.27 -14.36 0.59
C PHE B 141 -1.17 -14.78 2.04
N SER B 142 -1.42 -13.83 2.93
CA SER B 142 -1.38 -14.08 4.36
C SER B 142 -2.51 -15.05 4.68
N LEU B 143 -2.42 -15.70 5.84
CA LEU B 143 -3.43 -16.63 6.26
C LEU B 143 -4.77 -15.90 6.37
N ASP B 144 -4.73 -14.69 6.93
CA ASP B 144 -5.94 -13.89 7.10
C ASP B 144 -6.63 -13.60 5.78
N LYS B 145 -5.86 -13.22 4.77
CA LYS B 145 -6.44 -12.91 3.47
C LYS B 145 -6.92 -14.17 2.73
N THR B 146 -6.11 -15.23 2.78
CA THR B 146 -6.42 -16.50 2.15
C THR B 146 -7.72 -17.09 2.69
N ARG B 147 -7.85 -17.10 4.01
CA ARG B 147 -9.03 -17.63 4.67
C ARG B 147 -10.27 -16.79 4.34
N ALA B 148 -10.14 -15.47 4.40
CA ALA B 148 -11.24 -14.57 4.07
C ALA B 148 -11.66 -14.74 2.61
N LEU B 149 -10.70 -15.01 1.74
CA LEU B 149 -11.02 -15.20 0.34
C LEU B 149 -11.81 -16.51 0.17
N PHE B 150 -11.41 -17.55 0.88
CA PHE B 150 -12.12 -18.81 0.81
C PHE B 150 -13.51 -18.72 1.44
N GLN B 151 -13.64 -17.92 2.49
CA GLN B 151 -14.93 -17.74 3.17
C GLN B 151 -15.91 -17.03 2.25
N TYR B 152 -15.45 -16.02 1.54
CA TYR B 152 -16.33 -15.30 0.64
C TYR B 152 -16.80 -16.27 -0.43
N ALA B 153 -15.85 -17.05 -0.98
CA ALA B 153 -16.19 -18.04 -2.00
C ALA B 153 -17.32 -18.94 -1.47
N ARG B 154 -17.12 -19.42 -0.26
CA ARG B 154 -18.07 -20.30 0.42
C ARG B 154 -19.45 -19.63 0.52
N SER B 155 -19.47 -18.34 0.83
CA SER B 155 -20.73 -17.61 0.95
C SER B 155 -21.40 -17.41 -0.41
N ARG B 156 -20.63 -17.56 -1.49
CA ARG B 156 -21.16 -17.40 -2.85
C ARG B 156 -21.51 -18.75 -3.47
N GLY B 157 -21.42 -19.81 -2.68
CA GLY B 157 -21.73 -21.14 -3.17
C GLY B 157 -20.69 -21.66 -4.15
N THR B 159 -17.10 -23.52 -5.39
CA THR B 159 -16.28 -24.69 -5.11
C THR B 159 -14.89 -24.11 -4.91
N THR B 160 -14.22 -24.55 -3.86
CA THR B 160 -12.89 -24.06 -3.53
C THR B 160 -11.76 -25.04 -3.83
N VAL B 161 -10.68 -24.52 -4.40
CA VAL B 161 -9.53 -25.35 -4.73
C VAL B 161 -8.30 -24.71 -4.09
N PHE B 162 -7.53 -25.50 -3.37
CA PHE B 162 -6.37 -24.99 -2.67
C PHE B 162 -5.07 -25.73 -2.96
N ASN B 163 -4.04 -24.96 -3.29
CA ASN B 163 -2.69 -25.43 -3.58
C ASN B 163 -1.80 -24.51 -2.71
N PRO B 164 -1.51 -24.92 -1.46
CA PRO B 164 -0.70 -24.20 -0.47
C PRO B 164 0.77 -24.07 -0.79
N SER B 165 1.11 -23.31 -1.82
CA SER B 165 2.49 -23.11 -2.23
C SER B 165 2.66 -21.68 -2.72
N PRO B 166 3.58 -20.90 -2.10
CA PRO B 166 4.46 -21.20 -0.96
C PRO B 166 3.69 -21.68 0.25
N VAL B 167 4.22 -22.71 0.90
CA VAL B 167 3.57 -23.27 2.07
C VAL B 167 3.66 -22.32 3.27
N ASN B 168 2.63 -22.37 4.09
CA ASN B 168 2.55 -21.57 5.31
C ASN B 168 2.08 -22.62 6.30
N PRO B 169 2.90 -22.91 7.32
CA PRO B 169 2.47 -23.92 8.27
C PRO B 169 1.03 -23.73 8.76
N ASP B 170 0.61 -22.47 8.84
CA ASP B 170 -0.74 -22.17 9.32
C ASP B 170 -1.91 -22.49 8.40
N PHE B 171 -1.63 -22.85 7.15
CA PHE B 171 -2.70 -23.20 6.22
C PHE B 171 -3.28 -24.54 6.65
N CYS B 172 -2.73 -25.14 7.70
CA CYS B 172 -3.19 -26.44 8.17
C CYS B 172 -4.55 -26.38 8.83
N HIS B 173 -5.06 -25.16 9.04
CA HIS B 173 -6.35 -24.94 9.69
C HIS B 173 -7.47 -24.65 8.69
N LEU B 174 -7.09 -24.33 7.46
CA LEU B 174 -8.07 -23.99 6.44
C LEU B 174 -8.77 -25.17 5.75
N TRP B 175 -8.34 -26.39 6.03
CA TRP B 175 -8.94 -27.53 5.34
C TRP B 175 -10.46 -27.62 5.33
N PRO B 176 -11.12 -27.24 6.43
CA PRO B 176 -12.59 -27.29 6.47
C PRO B 176 -13.26 -26.44 5.38
N LEU B 177 -12.54 -25.47 4.85
CA LEU B 177 -13.03 -24.57 3.82
C LEU B 177 -12.73 -25.02 2.38
N ILE B 178 -12.00 -26.13 2.25
CA ILE B 178 -11.57 -26.63 0.95
C ILE B 178 -12.30 -27.86 0.39
N ASP B 179 -12.54 -27.88 -0.91
CA ASP B 179 -13.20 -29.01 -1.56
C ASP B 179 -12.15 -29.86 -2.27
N ILE B 180 -11.24 -29.17 -2.96
CA ILE B 180 -10.17 -29.85 -3.69
C ILE B 180 -8.83 -29.36 -3.19
N ALA B 181 -8.06 -30.29 -2.63
CA ALA B 181 -6.74 -29.96 -2.13
C ALA B 181 -5.71 -30.56 -3.09
N VAL B 182 -4.69 -29.79 -3.42
CA VAL B 182 -3.63 -30.24 -4.30
C VAL B 182 -2.32 -29.83 -3.63
N VAL B 183 -1.52 -30.81 -3.22
CA VAL B 183 -0.28 -30.56 -2.52
C VAL B 183 0.83 -31.51 -2.98
N ASN B 184 2.09 -31.14 -2.77
CA ASN B 184 3.20 -32.03 -3.10
C ASN B 184 3.47 -32.83 -1.83
N GLU B 185 4.31 -33.85 -1.90
CA GLU B 185 4.56 -34.66 -0.72
C GLU B 185 4.97 -33.87 0.52
N SER B 186 5.82 -32.86 0.34
CA SER B 186 6.25 -32.06 1.48
C SER B 186 5.04 -31.37 2.10
N GLU B 187 4.27 -30.66 1.27
CA GLU B 187 3.08 -29.97 1.72
C GLU B 187 2.10 -30.93 2.38
N ALA B 188 1.98 -32.12 1.80
CA ALA B 188 1.06 -33.13 2.32
C ALA B 188 1.42 -33.55 3.73
N GLU B 189 2.71 -33.51 4.05
CA GLU B 189 3.14 -33.91 5.38
C GLU B 189 3.11 -32.75 6.36
N LEU B 190 3.51 -31.57 5.90
CA LEU B 190 3.54 -30.38 6.74
C LEU B 190 2.17 -29.84 7.14
N LEU B 191 1.19 -29.96 6.24
CA LEU B 191 -0.16 -29.46 6.47
C LEU B 191 -1.21 -30.52 6.81
N GLN B 192 -0.88 -31.78 6.58
CA GLN B 192 -1.78 -32.90 6.84
C GLN B 192 -3.22 -32.66 6.41
N PRO B 193 -3.47 -32.61 5.10
CA PRO B 193 -4.84 -32.39 4.61
C PRO B 193 -5.79 -33.48 5.12
N TYR B 194 -7.04 -33.14 5.43
CA TYR B 194 -7.96 -34.18 5.88
C TYR B 194 -9.38 -34.18 5.29
N GLY B 195 -10.32 -33.53 5.97
CA GLY B 195 -11.70 -33.53 5.52
C GLY B 195 -12.06 -33.13 4.10
N VAL B 196 -11.09 -33.15 3.19
CA VAL B 196 -11.35 -32.74 1.81
C VAL B 196 -11.95 -33.81 0.90
N LYS B 197 -12.90 -33.41 0.06
CA LYS B 197 -13.56 -34.34 -0.87
C LYS B 197 -12.59 -34.93 -1.89
N THR B 198 -11.67 -34.11 -2.37
CA THR B 198 -10.70 -34.58 -3.34
C THR B 198 -9.32 -34.08 -2.97
N LEU B 199 -8.40 -35.02 -2.79
CA LEU B 199 -7.03 -34.72 -2.44
C LEU B 199 -6.08 -35.26 -3.50
N VAL B 200 -5.28 -34.37 -4.07
CA VAL B 200 -4.30 -34.79 -5.07
C VAL B 200 -2.93 -34.50 -4.50
N ILE B 201 -2.12 -35.55 -4.37
CA ILE B 201 -0.76 -35.43 -3.88
C ILE B 201 0.14 -35.55 -5.10
N THR B 202 0.81 -34.47 -5.45
CA THR B 202 1.69 -34.44 -6.59
C THR B 202 3.10 -34.85 -6.19
N GLN B 203 3.70 -35.74 -6.97
CA GLN B 203 5.05 -36.19 -6.69
C GLN B 203 5.93 -36.04 -7.93
N GLY B 204 5.58 -35.05 -8.75
CA GLY B 204 6.33 -34.77 -9.96
C GLY B 204 6.71 -35.97 -10.83
N ALA B 205 8.01 -36.19 -11.00
CA ALA B 205 8.53 -37.27 -11.82
C ALA B 205 8.00 -38.64 -11.45
N ALA B 206 7.80 -38.88 -10.15
CA ALA B 206 7.29 -40.17 -9.72
C ALA B 206 5.87 -40.35 -10.25
N GLY B 207 5.08 -39.29 -10.13
CA GLY B 207 3.71 -39.36 -10.58
C GLY B 207 2.81 -38.60 -9.62
N ALA B 208 1.59 -39.08 -9.45
CA ALA B 208 0.62 -38.40 -8.58
C ALA B 208 -0.48 -39.30 -8.04
N TRP B 209 -0.94 -39.01 -6.83
CA TRP B 209 -2.00 -39.77 -6.19
C TRP B 209 -3.32 -39.01 -6.15
N LEU B 210 -4.40 -39.73 -6.36
CA LEU B 210 -5.74 -39.15 -6.26
C LEU B 210 -6.35 -39.88 -5.08
N VAL B 211 -6.89 -39.12 -4.13
CA VAL B 211 -7.51 -39.70 -2.95
C VAL B 211 -8.91 -39.14 -2.72
N GLN B 212 -9.91 -40.00 -2.84
CA GLN B 212 -11.30 -39.58 -2.62
C GLN B 212 -11.79 -40.20 -1.30
N GLU B 213 -12.98 -40.80 -1.35
CA GLU B 213 -13.60 -41.45 -0.19
C GLU B 213 -12.79 -42.67 0.25
N GLY B 214 -11.56 -42.44 0.70
CA GLY B 214 -10.73 -43.55 1.13
C GLY B 214 -10.08 -44.32 -0.01
N GLN B 215 -10.56 -44.11 -1.24
CA GLN B 215 -9.99 -44.80 -2.39
C GLN B 215 -8.76 -44.05 -2.90
N ARG B 216 -7.68 -44.80 -3.12
CA ARG B 216 -6.42 -44.25 -3.58
C ARG B 216 -6.12 -44.70 -5.01
N GLN B 217 -5.78 -43.75 -5.87
CA GLN B 217 -5.45 -44.03 -7.26
C GLN B 217 -4.14 -43.34 -7.64
N PHE B 218 -3.23 -44.10 -8.24
CA PHE B 218 -1.94 -43.56 -8.64
C PHE B 218 -1.81 -43.35 -10.14
N CYS B 219 -1.37 -42.18 -10.56
CA CYS B 219 -1.20 -41.91 -11.98
C CYS B 219 0.28 -41.66 -12.26
N PRO B 220 0.94 -42.59 -12.95
CA PRO B 220 2.37 -42.43 -13.26
C PRO B 220 2.62 -41.24 -14.16
N ALA B 221 3.81 -40.65 -14.03
CA ALA B 221 4.16 -39.52 -14.86
C ALA B 221 4.43 -40.03 -16.28
N VAL B 222 4.36 -39.12 -17.24
CA VAL B 222 4.64 -39.42 -18.64
C VAL B 222 6.14 -39.20 -18.75
N PRO B 223 6.88 -40.19 -19.29
CA PRO B 223 8.33 -39.98 -19.40
C PRO B 223 8.64 -38.71 -20.20
N ALA B 224 9.63 -37.94 -19.74
CA ALA B 224 10.00 -36.71 -20.42
C ALA B 224 11.45 -36.33 -20.15
N GLU B 225 11.95 -35.41 -20.95
CA GLU B 225 13.29 -34.88 -20.83
C GLU B 225 13.09 -33.59 -20.05
N ALA B 226 13.39 -33.61 -18.76
CA ALA B 226 13.19 -32.43 -17.94
C ALA B 226 14.33 -31.43 -17.95
N LEU B 227 14.30 -30.46 -18.85
CA LEU B 227 15.37 -29.47 -18.87
C LEU B 227 15.05 -28.22 -18.05
N ASP B 228 13.78 -27.84 -18.00
CA ASP B 228 13.37 -26.67 -17.21
C ASP B 228 12.08 -27.03 -16.45
N THR B 229 12.24 -27.35 -15.17
CA THR B 229 11.15 -27.77 -14.29
C THR B 229 10.09 -26.71 -13.93
N THR B 230 10.39 -25.46 -14.22
CA THR B 230 9.46 -24.36 -13.94
C THR B 230 8.08 -24.61 -14.55
N GLY B 231 7.03 -24.35 -13.78
CA GLY B 231 5.68 -24.51 -14.26
C GLY B 231 5.11 -25.92 -14.28
N ALA B 232 5.94 -26.92 -13.97
CA ALA B 232 5.49 -28.33 -13.96
C ALA B 232 4.26 -28.52 -13.07
N GLY B 233 4.37 -28.09 -11.82
CA GLY B 233 3.25 -28.20 -10.88
C GLY B 233 2.04 -27.41 -11.34
N ASP B 234 2.24 -26.16 -11.76
CA ASP B 234 1.12 -25.33 -12.20
C ASP B 234 0.40 -25.91 -13.39
N THR B 235 1.14 -26.59 -14.26
CA THR B 235 0.58 -27.18 -15.46
C THR B 235 -0.29 -28.35 -15.05
N PHE B 236 0.23 -29.17 -14.16
CA PHE B 236 -0.49 -30.34 -13.68
C PHE B 236 -1.84 -29.92 -13.08
N LEU B 237 -1.81 -28.97 -12.14
CA LEU B 237 -3.02 -28.50 -11.50
C LEU B 237 -4.00 -27.94 -12.53
N ALA B 238 -3.52 -26.99 -13.33
CA ALA B 238 -4.36 -26.36 -14.34
C ALA B 238 -5.05 -27.36 -15.27
N VAL B 239 -4.25 -28.18 -15.95
CA VAL B 239 -4.81 -29.15 -16.89
C VAL B 239 -5.65 -30.25 -16.22
N LEU B 241 -7.49 -29.86 -13.60
CA LEU B 241 -8.75 -29.21 -13.22
C LEU B 241 -9.57 -28.91 -14.47
N ALA B 242 -8.91 -28.45 -15.54
CA ALA B 242 -9.61 -28.13 -16.77
C ALA B 242 -10.26 -29.39 -17.34
N SER B 243 -9.53 -30.51 -17.31
CA SER B 243 -10.05 -31.76 -17.83
C SER B 243 -11.34 -32.15 -17.13
N ALA B 244 -11.29 -32.19 -15.79
CA ALA B 244 -12.47 -32.56 -15.01
C ALA B 244 -13.63 -31.59 -15.26
N LEU B 245 -13.31 -30.32 -15.44
CA LEU B 245 -14.29 -29.27 -15.67
C LEU B 245 -14.96 -29.40 -17.04
N LEU B 246 -14.15 -29.62 -18.07
CA LEU B 246 -14.66 -29.76 -19.43
C LEU B 246 -15.49 -31.02 -19.65
N ARG B 247 -15.47 -31.93 -18.69
CA ARG B 247 -16.22 -33.18 -18.78
C ARG B 247 -17.16 -33.25 -17.60
N GLY B 248 -17.21 -32.17 -16.83
CA GLY B 248 -18.06 -32.07 -15.65
C GLY B 248 -18.10 -33.28 -14.72
N VAL B 249 -16.99 -33.57 -14.03
CA VAL B 249 -16.99 -34.73 -13.15
C VAL B 249 -16.13 -34.63 -11.89
N ALA B 250 -15.36 -33.57 -11.73
CA ALA B 250 -14.48 -33.47 -10.56
C ALA B 250 -13.29 -34.42 -10.80
N PRO B 251 -12.10 -34.04 -10.32
CA PRO B 251 -10.88 -34.84 -10.48
C PRO B 251 -11.07 -36.34 -10.52
N ASP B 252 -10.48 -36.97 -11.53
CA ASP B 252 -10.55 -38.41 -11.70
C ASP B 252 -9.29 -38.92 -12.40
N ALA B 253 -9.13 -40.23 -12.46
CA ALA B 253 -7.96 -40.84 -13.07
C ALA B 253 -7.55 -40.23 -14.41
N LEU B 254 -8.52 -40.07 -15.31
CA LEU B 254 -8.26 -39.49 -16.61
C LEU B 254 -7.72 -38.07 -16.53
N ALA B 255 -8.24 -37.28 -15.59
CA ALA B 255 -7.78 -35.91 -15.39
C ALA B 255 -6.29 -35.86 -15.06
N LEU B 256 -5.83 -36.79 -14.23
CA LEU B 256 -4.41 -36.82 -13.88
C LEU B 256 -3.59 -37.23 -15.09
N ALA B 257 -4.17 -38.11 -15.91
CA ALA B 257 -3.50 -38.58 -17.13
C ALA B 257 -3.28 -37.40 -18.08
N HIS B 258 -4.32 -36.61 -18.31
CA HIS B 258 -4.18 -35.45 -19.19
C HIS B 258 -3.12 -34.49 -18.64
N ALA B 259 -3.09 -34.32 -17.32
CA ALA B 259 -2.14 -33.42 -16.70
C ALA B 259 -0.70 -33.92 -16.75
N SER B 260 -0.52 -35.23 -16.63
CA SER B 260 0.83 -35.78 -16.67
C SER B 260 1.43 -35.49 -18.05
N ARG B 261 0.60 -35.58 -19.08
CA ARG B 261 1.04 -35.31 -20.44
C ARG B 261 1.31 -33.82 -20.64
N ALA B 262 0.48 -32.99 -20.04
CA ALA B 262 0.63 -31.54 -20.15
C ALA B 262 1.96 -31.11 -19.53
N ALA B 263 2.17 -31.51 -18.28
CA ALA B 263 3.39 -31.16 -17.54
C ALA B 263 4.67 -31.66 -18.23
N ALA B 264 4.59 -32.82 -18.86
CA ALA B 264 5.75 -33.37 -19.56
C ALA B 264 6.21 -32.39 -20.64
N ILE B 265 5.26 -31.73 -21.30
CA ILE B 265 5.62 -30.77 -22.33
C ILE B 265 6.29 -29.55 -21.69
N THR B 266 5.70 -29.06 -20.61
CA THR B 266 6.24 -27.90 -19.90
C THR B 266 7.70 -28.07 -19.44
N VAL B 267 8.03 -29.21 -18.85
CA VAL B 267 9.39 -29.43 -18.38
C VAL B 267 10.40 -29.78 -19.48
N SER B 268 9.92 -29.95 -20.71
CA SER B 268 10.81 -30.29 -21.83
C SER B 268 11.12 -29.02 -22.60
N ARG B 269 10.62 -27.90 -22.09
CA ARG B 269 10.85 -26.61 -22.72
C ARG B 269 11.40 -25.68 -21.67
N ARG B 270 11.89 -24.53 -22.09
CA ARG B 270 12.47 -23.58 -21.17
C ARG B 270 11.59 -22.35 -20.97
N GLY B 271 11.72 -21.74 -19.80
CA GLY B 271 10.94 -20.56 -19.48
C GLY B 271 9.72 -20.92 -18.67
N THR B 272 8.81 -19.97 -18.54
CA THR B 272 7.58 -20.22 -17.81
C THR B 272 6.44 -20.18 -18.83
N LEU B 273 5.77 -19.03 -18.96
CA LEU B 273 4.67 -18.94 -19.92
C LEU B 273 5.13 -19.44 -21.29
N SER B 274 6.41 -19.23 -21.57
CA SER B 274 7.00 -19.61 -22.84
C SER B 274 7.00 -21.13 -23.08
N ALA B 275 7.22 -21.90 -22.03
CA ALA B 275 7.27 -23.36 -22.11
C ALA B 275 5.93 -24.09 -22.01
N PHE B 276 4.86 -23.37 -21.66
CA PHE B 276 3.56 -24.02 -21.51
C PHE B 276 2.87 -24.39 -22.81
N PRO B 277 2.19 -25.56 -22.82
CA PRO B 277 1.51 -25.97 -24.04
C PRO B 277 0.49 -24.91 -24.47
N GLY B 278 0.25 -24.83 -25.78
CA GLY B 278 -0.69 -23.85 -26.31
C GLY B 278 -2.12 -24.34 -26.36
N SER B 279 -3.02 -23.42 -26.66
CA SER B 279 -4.43 -23.75 -26.72
C SER B 279 -4.71 -24.94 -27.62
N ARG B 280 -4.13 -24.96 -28.81
CA ARG B 280 -4.37 -26.07 -29.72
C ARG B 280 -3.79 -27.38 -29.22
N GLU B 281 -2.60 -27.33 -28.63
CA GLU B 281 -1.97 -28.51 -28.09
C GLU B 281 -2.82 -29.02 -26.94
N LEU B 282 -3.21 -28.11 -26.05
CA LEU B 282 -4.04 -28.48 -24.92
C LEU B 282 -5.31 -29.18 -25.38
N ALA B 283 -6.00 -28.57 -26.34
CA ALA B 283 -7.25 -29.10 -26.86
C ALA B 283 -7.09 -30.48 -27.47
N ALA B 284 -6.04 -30.66 -28.27
CA ALA B 284 -5.78 -31.93 -28.88
C ALA B 284 -5.59 -32.96 -27.76
N LEU B 285 -4.90 -32.54 -26.71
CA LEU B 285 -4.63 -33.41 -25.56
C LEU B 285 -5.87 -33.65 -24.71
N LEU B 286 -6.62 -32.58 -24.41
CA LEU B 286 -7.80 -32.68 -23.58
C LEU B 286 -8.88 -33.61 -24.09
N THR B 287 -8.64 -34.28 -25.20
CA THR B 287 -9.63 -35.21 -25.72
C THR B 287 -8.94 -36.50 -26.14
N LEU C 3 20.22 16.10 27.88
CA LEU C 3 19.18 15.06 28.16
C LEU C 3 18.21 14.90 26.99
N ARG C 4 18.03 13.65 26.56
CA ARG C 4 17.15 13.32 25.44
C ARG C 4 15.93 12.50 25.84
N VAL C 5 14.76 12.92 25.36
CA VAL C 5 13.52 12.24 25.67
C VAL C 5 13.05 11.28 24.56
N TYR C 6 12.91 10.00 24.91
CA TYR C 6 12.42 8.99 23.98
C TYR C 6 10.97 8.73 24.31
N VAL C 7 10.10 8.84 23.31
CA VAL C 7 8.68 8.63 23.52
C VAL C 7 8.23 7.45 22.68
N THR C 8 7.73 6.44 23.36
CA THR C 8 7.27 5.22 22.74
C THR C 8 5.74 5.18 22.81
N GLY C 9 5.10 5.57 21.72
CA GLY C 9 3.65 5.60 21.70
C GLY C 9 3.08 5.46 20.32
N ASN C 10 1.91 6.05 20.11
CA ASN C 10 1.25 5.98 18.82
C ASN C 10 1.07 7.34 18.20
N ILE C 11 0.62 7.33 16.96
CA ILE C 11 0.38 8.55 16.21
C ILE C 11 -0.86 8.25 15.38
N THR C 12 -1.79 9.20 15.33
CA THR C 12 -3.04 8.98 14.62
C THR C 12 -3.52 10.16 13.81
N VAL C 13 -4.75 10.01 13.33
CA VAL C 13 -5.47 11.03 12.59
C VAL C 13 -6.76 11.08 13.39
N ASP C 14 -6.98 12.16 14.14
CA ASP C 14 -8.19 12.25 14.94
C ASP C 14 -9.29 12.82 14.09
N GLU C 15 -10.47 12.25 14.24
CA GLU C 15 -11.64 12.67 13.49
C GLU C 15 -12.69 12.97 14.56
N THR C 16 -13.08 14.22 14.69
CA THR C 16 -14.04 14.58 15.73
C THR C 16 -15.48 14.70 15.25
N TRP C 17 -16.36 14.01 15.96
CA TRP C 17 -17.78 13.99 15.66
C TRP C 17 -18.60 14.73 16.70
N SER C 18 -19.47 15.61 16.24
CA SER C 18 -20.33 16.35 17.13
C SER C 18 -21.68 15.64 17.13
N ILE C 19 -22.13 15.24 18.31
CA ILE C 19 -23.41 14.55 18.46
C ILE C 19 -24.17 15.09 19.68
N PRO C 20 -25.48 14.79 19.75
CA PRO C 20 -26.32 15.25 20.86
C PRO C 20 -25.85 14.66 22.18
N ASP C 21 -25.65 13.36 22.19
CA ASP C 21 -25.21 12.62 23.37
C ASP C 21 -24.75 11.29 22.79
N ILE C 22 -23.94 10.53 23.52
CA ILE C 22 -23.49 9.25 22.97
C ILE C 22 -24.63 8.23 22.89
N PRO C 23 -24.77 7.55 21.74
CA PRO C 23 -25.81 6.54 21.47
C PRO C 23 -25.88 5.41 22.46
N LYS C 24 -27.09 4.88 22.63
CA LYS C 24 -27.28 3.73 23.50
C LYS C 24 -27.39 2.59 22.50
N LYS C 25 -26.79 1.45 22.82
CA LYS C 25 -26.86 0.32 21.90
C LYS C 25 -28.29 0.16 21.41
N GLY C 26 -28.44 0.00 20.10
CA GLY C 26 -29.75 -0.14 19.53
C GLY C 26 -30.22 1.15 18.89
N ALA C 27 -29.77 2.27 19.45
CA ALA C 27 -30.15 3.60 18.94
C ALA C 27 -29.33 4.02 17.72
N SER C 28 -29.94 4.85 16.89
CA SER C 28 -29.28 5.39 15.69
C SER C 28 -29.41 6.89 15.84
N ILE C 29 -28.32 7.61 15.62
CA ILE C 29 -28.37 9.06 15.76
C ILE C 29 -27.62 9.80 14.66
N HIS C 30 -27.82 11.10 14.60
CA HIS C 30 -27.17 11.93 13.60
C HIS C 30 -25.96 12.60 14.22
N GLY C 31 -24.90 12.72 13.44
CA GLY C 31 -23.70 13.37 13.92
C GLY C 31 -23.16 14.24 12.82
N VAL C 32 -22.17 15.06 13.13
CA VAL C 32 -21.56 15.91 12.11
C VAL C 32 -20.06 15.87 12.32
N LYS C 33 -19.32 15.53 11.27
CA LYS C 33 -17.87 15.50 11.38
C LYS C 33 -17.38 16.93 11.30
N VAL C 34 -16.75 17.41 12.36
CA VAL C 34 -16.29 18.79 12.38
C VAL C 34 -14.79 19.05 12.33
N SER C 35 -13.96 18.01 12.48
CA SER C 35 -12.51 18.23 12.39
C SER C 35 -11.72 16.95 12.12
N GLN C 36 -10.65 17.12 11.34
CA GLN C 36 -9.73 16.06 10.96
C GLN C 36 -8.39 16.62 11.34
N ASP C 37 -7.58 15.86 12.06
CA ASP C 37 -6.27 16.37 12.45
C ASP C 37 -5.35 15.26 12.93
N ILE C 38 -4.05 15.55 12.92
CA ILE C 38 -3.04 14.61 13.36
C ILE C 38 -3.07 14.57 14.89
N GLY C 39 -3.01 13.38 15.46
CA GLY C 39 -3.05 13.27 16.91
C GLY C 39 -2.37 12.02 17.44
N GLY C 40 -2.89 11.51 18.55
CA GLY C 40 -2.32 10.33 19.15
C GLY C 40 -1.61 10.72 20.43
N LYS C 41 -1.77 9.93 21.49
CA LYS C 41 -1.13 10.19 22.77
C LYS C 41 0.38 10.33 22.67
N GLY C 42 1.02 9.39 21.99
CA GLY C 42 2.47 9.43 21.84
C GLY C 42 2.93 10.63 21.05
N ALA C 43 2.30 10.81 19.88
CA ALA C 43 2.64 11.93 19.00
C ALA C 43 2.47 13.31 19.65
N ASN C 44 1.31 13.55 20.26
CA ASN C 44 1.02 14.83 20.89
C ASN C 44 2.06 15.24 21.92
N GLN C 45 2.39 14.33 22.83
CA GLN C 45 3.36 14.64 23.85
C GLN C 45 4.77 14.83 23.30
N ALA C 46 5.16 14.02 22.31
CA ALA C 46 6.50 14.13 21.73
C ALA C 46 6.68 15.47 21.02
N ILE C 47 5.69 15.79 20.18
CA ILE C 47 5.73 17.02 19.40
C ILE C 47 5.78 18.26 20.29
N ILE C 48 4.91 18.32 21.29
CA ILE C 48 4.89 19.46 22.17
C ILE C 48 6.22 19.58 22.92
N LEU C 49 6.75 18.44 23.34
CA LEU C 49 8.03 18.40 24.03
C LEU C 49 9.10 19.04 23.14
N SER C 50 9.17 18.59 21.90
CA SER C 50 10.15 19.09 20.92
C SER C 50 9.97 20.57 20.63
N ARG C 51 8.72 21.01 20.59
CA ARG C 51 8.44 22.42 20.35
C ARG C 51 8.85 23.26 21.55
N CYS C 52 9.16 22.60 22.67
CA CYS C 52 9.59 23.29 23.88
C CYS C 52 11.11 23.38 23.91
N GLY C 53 11.75 22.77 22.91
CA GLY C 53 13.20 22.81 22.84
C GLY C 53 13.88 21.56 23.35
N ILE C 54 13.11 20.63 23.89
CA ILE C 54 13.68 19.39 24.41
C ILE C 54 14.04 18.41 23.30
N GLU C 55 15.26 17.91 23.33
CA GLU C 55 15.73 16.93 22.36
C GLU C 55 14.71 15.81 22.51
N THR C 56 13.99 15.49 21.43
CA THR C 56 12.95 14.46 21.53
C THR C 56 12.91 13.47 20.38
N ARG C 57 12.58 12.22 20.69
CA ARG C 57 12.47 11.21 19.65
C ARG C 57 11.20 10.39 19.83
N LEU C 58 10.42 10.33 18.76
CA LEU C 58 9.17 9.61 18.76
C LEU C 58 9.26 8.29 18.01
N ILE C 59 8.96 7.20 18.71
CA ILE C 59 8.98 5.88 18.11
C ILE C 59 7.51 5.43 18.03
N ALA C 60 6.97 5.42 16.80
CA ALA C 60 5.59 5.04 16.56
C ALA C 60 5.42 4.57 15.13
N ALA C 61 4.39 3.78 14.88
CA ALA C 61 4.16 3.25 13.54
C ALA C 61 3.09 3.98 12.75
N THR C 62 3.35 4.16 11.46
CA THR C 62 2.41 4.80 10.55
C THR C 62 2.15 3.74 9.48
N GLY C 63 1.00 3.79 8.83
CA GLY C 63 0.68 2.79 7.82
C GLY C 63 0.90 3.25 6.39
N ASN C 64 0.69 2.37 5.42
CA ASN C 64 0.86 2.76 4.02
C ASN C 64 -0.47 3.30 3.55
N ASP C 65 -1.02 4.13 4.41
CA ASP C 65 -2.31 4.82 4.30
C ASP C 65 -2.13 6.20 3.65
N SER C 66 -3.22 6.81 3.19
CA SER C 66 -3.12 8.16 2.66
C SER C 66 -2.99 8.97 3.95
N ASN C 67 -3.55 8.45 5.04
CA ASN C 67 -3.44 9.11 6.32
C ASN C 67 -1.96 9.00 6.69
N GLY C 68 -1.35 7.85 6.34
CA GLY C 68 0.05 7.62 6.63
C GLY C 68 0.96 8.67 6.04
N ALA C 69 0.74 8.98 4.77
CA ALA C 69 1.52 10.01 4.08
C ALA C 69 1.24 11.36 4.73
N TRP C 70 -0.03 11.59 5.08
CA TRP C 70 -0.42 12.84 5.71
C TRP C 70 0.34 13.05 7.03
N ILE C 71 0.33 12.00 7.87
CA ILE C 71 1.01 12.02 9.16
C ILE C 71 2.51 12.27 9.03
N ARG C 72 3.17 11.45 8.20
CA ARG C 72 4.60 11.58 7.99
C ARG C 72 4.98 12.95 7.47
N GLN C 73 4.14 13.49 6.59
CA GLN C 73 4.39 14.80 6.00
C GLN C 73 4.32 15.91 7.04
N GLN C 74 3.36 15.82 7.95
CA GLN C 74 3.18 16.80 9.01
C GLN C 74 4.34 16.73 9.99
N ILE C 75 4.66 15.53 10.45
CA ILE C 75 5.75 15.35 11.41
C ILE C 75 7.04 15.94 10.87
N LYS C 76 7.14 15.99 9.55
CA LYS C 76 8.32 16.52 8.90
C LYS C 76 8.53 18.01 9.19
N ASN C 77 7.46 18.73 9.51
CA ASN C 77 7.59 20.15 9.82
C ASN C 77 7.86 20.41 11.31
N GLU C 78 7.95 19.35 12.11
CA GLU C 78 8.20 19.49 13.55
C GLU C 78 9.66 19.22 13.90
N PRO C 79 10.17 19.89 14.93
CA PRO C 79 11.56 19.71 15.38
C PRO C 79 11.73 18.42 16.17
N LEU C 80 11.08 17.37 15.70
CA LEU C 80 11.12 16.08 16.38
C LEU C 80 11.56 15.02 15.39
N LEU C 82 11.16 11.27 14.03
CA LEU C 82 10.19 10.19 14.06
C LEU C 82 10.82 8.92 13.52
N LEU C 83 10.77 7.85 14.30
CA LEU C 83 11.34 6.57 13.91
C LEU C 83 10.29 5.47 14.01
N PRO C 84 10.32 4.51 13.08
CA PRO C 84 11.27 4.40 11.97
C PRO C 84 10.95 5.35 10.81
N ASP C 85 11.82 5.38 9.77
CA ASP C 85 11.60 6.22 8.58
C ASP C 85 10.50 5.59 7.75
N GLY C 86 10.60 4.27 7.60
CA GLY C 86 9.64 3.52 6.82
C GLY C 86 8.30 3.38 7.51
N HIS C 87 7.31 2.89 6.77
CA HIS C 87 5.97 2.69 7.29
C HIS C 87 5.66 1.20 7.24
N PHE C 88 4.45 0.82 7.66
CA PHE C 88 4.06 -0.60 7.66
C PHE C 88 2.81 -0.76 6.81
N ASN C 89 2.60 -1.93 6.22
CA ASN C 89 1.36 -2.07 5.47
C ASN C 89 0.31 -2.54 6.47
N GLN C 90 -0.37 -1.53 7.00
CA GLN C 90 -1.43 -1.65 7.98
C GLN C 90 -2.09 -0.29 7.82
N HIS C 91 -3.29 -0.14 8.33
CA HIS C 91 -3.93 1.17 8.25
C HIS C 91 -3.32 1.95 9.41
N SER C 92 -3.06 3.23 9.19
CA SER C 92 -2.53 4.07 10.24
C SER C 92 -3.57 4.16 11.35
N ASP C 93 -3.14 4.11 12.61
CA ASP C 93 -4.09 4.21 13.70
C ASP C 93 -4.91 5.49 13.55
N THR C 94 -6.16 5.44 13.98
CA THR C 94 -7.04 6.61 13.94
C THR C 94 -7.87 6.65 15.20
N SER C 95 -8.48 7.80 15.45
CA SER C 95 -9.32 7.96 16.63
C SER C 95 -10.62 8.60 16.23
N ILE C 96 -11.69 8.15 16.89
CA ILE C 96 -13.01 8.70 16.69
C ILE C 96 -13.21 9.43 18.01
N ILE C 97 -13.45 10.73 17.94
CA ILE C 97 -13.67 11.52 19.15
C ILE C 97 -15.12 11.98 19.16
N LEU C 98 -15.92 11.41 20.06
CA LEU C 98 -17.34 11.77 20.16
C LEU C 98 -17.53 12.98 21.06
N ASN C 99 -17.88 14.10 20.44
CA ASN C 99 -18.12 15.34 21.17
C ASN C 99 -19.62 15.62 21.24
N SER C 100 -20.21 15.35 22.41
CA SER C 100 -21.64 15.57 22.60
C SER C 100 -21.91 16.94 23.19
N ALA C 101 -23.15 17.41 23.05
CA ALA C 101 -23.53 18.72 23.56
C ALA C 101 -23.26 18.83 25.06
N ASP C 102 -23.43 17.71 25.74
CA ASP C 102 -23.27 17.62 27.18
C ASP C 102 -21.84 17.53 27.69
N GLY C 103 -21.59 16.62 28.63
CA GLY C 103 -20.28 16.44 29.23
C GLY C 103 -19.04 16.35 28.36
N ASP C 104 -17.98 15.73 28.89
CA ASP C 104 -16.72 15.61 28.15
C ASP C 104 -16.67 14.49 27.13
N ASN C 105 -15.76 14.65 26.18
CA ASN C 105 -15.57 13.71 25.08
C ASN C 105 -15.27 12.27 25.43
N ALA C 106 -15.58 11.41 24.48
CA ALA C 106 -15.34 9.99 24.58
C ALA C 106 -14.54 9.71 23.33
N ILE C 107 -13.49 8.91 23.45
CA ILE C 107 -12.66 8.61 22.28
C ILE C 107 -12.44 7.11 22.11
N ILE C 108 -12.38 6.69 20.84
CA ILE C 108 -12.14 5.30 20.48
C ILE C 108 -10.96 5.30 19.53
N THR C 109 -9.92 4.55 19.89
CA THR C 109 -8.72 4.49 19.08
C THR C 109 -8.32 3.08 18.67
N THR C 110 -7.98 2.92 17.39
CA THR C 110 -7.53 1.64 16.85
C THR C 110 -6.04 1.49 17.17
N THR C 111 -5.52 0.28 16.97
CA THR C 111 -4.12 0.01 17.29
C THR C 111 -3.43 -0.97 16.33
N ALA C 112 -4.05 -1.23 15.17
CA ALA C 112 -3.47 -2.15 14.20
C ALA C 112 -1.99 -1.88 13.93
N ALA C 113 -1.67 -0.63 13.59
CA ALA C 113 -0.30 -0.23 13.31
C ALA C 113 0.64 -0.36 14.51
N ALA C 114 0.25 0.22 15.65
CA ALA C 114 1.09 0.13 16.85
C ALA C 114 1.36 -1.31 17.25
N ASP C 115 0.37 -2.18 17.13
CA ASP C 115 0.52 -3.58 17.49
C ASP C 115 1.53 -4.35 16.64
N THR C 116 1.57 -4.08 15.34
CA THR C 116 2.51 -4.72 14.42
C THR C 116 3.94 -4.35 14.79
N PHE C 117 4.11 -3.11 15.25
CA PHE C 117 5.41 -2.60 15.63
C PHE C 117 5.86 -3.32 16.90
N SER C 118 6.46 -4.48 16.69
CA SER C 118 6.93 -5.32 17.78
C SER C 118 8.03 -4.68 18.62
N LEU C 119 8.21 -5.23 19.81
CA LEU C 119 9.22 -4.75 20.75
C LEU C 119 10.62 -4.92 20.15
N ASP C 120 10.82 -5.99 19.38
CA ASP C 120 12.11 -6.26 18.75
C ASP C 120 12.48 -5.18 17.73
N GLU C 121 11.47 -4.67 17.03
CA GLU C 121 11.70 -3.62 16.04
C GLU C 121 11.80 -2.27 16.73
N ILE C 123 13.12 -1.43 20.39
CA ILE C 123 14.28 -1.06 21.18
C ILE C 123 15.50 -0.65 20.36
N PRO C 124 15.69 -1.24 19.17
CA PRO C 124 16.85 -0.85 18.38
C PRO C 124 16.90 0.66 18.12
N HIS C 125 15.74 1.32 18.13
CA HIS C 125 15.65 2.77 17.93
C HIS C 125 16.02 3.55 19.19
N ALA C 127 18.76 2.34 20.94
CA ALA C 127 20.13 1.88 21.13
C ALA C 127 21.12 2.99 21.49
N ASP C 128 20.86 4.20 21.02
CA ASP C 128 21.76 5.32 21.28
C ASP C 128 21.41 6.07 22.57
N ALA C 129 20.57 5.48 23.41
CA ALA C 129 20.16 6.15 24.65
C ALA C 129 21.26 6.05 25.70
N VAL C 130 21.29 7.04 26.59
CA VAL C 130 22.26 7.05 27.69
C VAL C 130 21.59 7.26 29.05
N ALA C 131 22.29 6.91 30.13
CA ALA C 131 21.75 7.06 31.47
C ALA C 131 21.24 8.50 31.64
N GLY C 132 20.10 8.67 32.28
CA GLY C 132 19.58 10.01 32.45
C GLY C 132 18.55 10.34 31.38
N ASP C 133 18.62 9.66 30.24
CA ASP C 133 17.64 9.90 29.18
C ASP C 133 16.30 9.45 29.73
N ILE C 134 15.23 9.93 29.12
CA ILE C 134 13.90 9.59 29.56
C ILE C 134 13.09 8.75 28.60
N LEU C 135 12.30 7.84 29.16
CA LEU C 135 11.39 7.04 28.36
C LEU C 135 10.00 7.46 28.81
N LEU C 136 9.22 7.99 27.89
CA LEU C 136 7.85 8.42 28.19
C LEU C 136 6.88 7.54 27.43
N GLN C 137 5.94 6.95 28.17
CA GLN C 137 4.91 6.08 27.59
C GLN C 137 3.51 6.45 28.02
N GLN C 138 2.54 6.05 27.21
CA GLN C 138 1.14 6.27 27.51
C GLN C 138 0.54 4.89 27.62
N GLY C 139 -0.78 4.75 27.42
CA GLY C 139 -1.40 3.44 27.53
C GLY C 139 -1.84 2.87 26.20
N ASN C 140 -1.04 3.03 25.16
CA ASN C 140 -1.40 2.51 23.84
C ASN C 140 -0.97 1.05 23.66
N PHE C 141 -0.12 0.56 24.54
CA PHE C 141 0.37 -0.81 24.44
C PHE C 141 -0.17 -1.79 25.47
N SER C 142 0.07 -3.07 25.21
CA SER C 142 -0.37 -4.12 26.13
C SER C 142 0.47 -4.03 27.39
N LEU C 143 -0.01 -4.63 28.47
CA LEU C 143 0.75 -4.62 29.71
C LEU C 143 2.15 -5.17 29.44
N ASP C 144 2.22 -6.25 28.68
CA ASP C 144 3.50 -6.88 28.37
C ASP C 144 4.47 -6.06 27.53
N LYS C 145 3.98 -5.42 26.47
CA LYS C 145 4.85 -4.59 25.66
C LYS C 145 5.25 -3.36 26.48
N THR C 146 4.25 -2.75 27.12
CA THR C 146 4.47 -1.56 27.96
C THR C 146 5.51 -1.82 29.04
N ARG C 147 5.36 -2.92 29.76
CA ARG C 147 6.30 -3.27 30.83
C ARG C 147 7.68 -3.59 30.29
N ALA C 148 7.73 -4.35 29.20
CA ALA C 148 9.00 -4.73 28.59
C ALA C 148 9.81 -3.46 28.31
N LEU C 149 9.15 -2.45 27.74
CA LEU C 149 9.79 -1.18 27.44
C LEU C 149 10.34 -0.48 28.67
N PHE C 150 9.54 -0.40 29.75
CA PHE C 150 10.01 0.24 30.97
C PHE C 150 11.11 -0.58 31.61
N GLN C 151 11.02 -1.90 31.54
CA GLN C 151 12.07 -2.72 32.14
C GLN C 151 13.36 -2.41 31.39
N TYR C 152 13.29 -2.44 30.06
CA TYR C 152 14.46 -2.14 29.23
C TYR C 152 15.07 -0.79 29.64
N ALA C 153 14.23 0.24 29.75
CA ALA C 153 14.68 1.57 30.13
C ALA C 153 15.44 1.60 31.44
N ARG C 154 15.06 0.72 32.36
CA ARG C 154 15.75 0.68 33.65
C ARG C 154 17.09 -0.03 33.60
N SER C 155 17.29 -0.86 32.57
CA SER C 155 18.55 -1.57 32.43
C SER C 155 19.55 -0.63 31.77
N ARG C 156 19.04 0.37 31.06
CA ARG C 156 19.90 1.35 30.38
C ARG C 156 20.02 2.60 31.23
N GLY C 157 19.56 2.50 32.47
CA GLY C 157 19.65 3.61 33.41
C GLY C 157 18.83 4.84 33.07
N THR C 159 15.27 7.34 32.99
CA THR C 159 14.21 7.81 33.87
C THR C 159 12.90 7.41 33.18
N THR C 160 11.93 6.97 33.95
CA THR C 160 10.65 6.54 33.41
C THR C 160 9.48 7.44 33.78
N VAL C 161 8.65 7.76 32.79
CA VAL C 161 7.47 8.60 32.96
C VAL C 161 6.29 7.81 32.43
N PHE C 162 5.18 7.82 33.16
CA PHE C 162 4.01 7.05 32.75
C PHE C 162 2.67 7.80 32.85
N ASN C 163 1.95 7.84 31.73
CA ASN C 163 0.62 8.47 31.64
C ASN C 163 -0.30 7.36 31.08
N PRO C 164 -0.77 6.47 31.97
CA PRO C 164 -1.64 5.32 31.68
C PRO C 164 -2.98 5.58 30.99
N SER C 165 -2.95 6.35 29.91
CA SER C 165 -4.17 6.65 29.16
C SER C 165 -3.98 6.20 27.70
N PRO C 166 -4.91 5.40 27.16
CA PRO C 166 -6.12 4.87 27.81
C PRO C 166 -5.72 3.96 28.98
N VAL C 167 -6.60 3.82 29.96
CA VAL C 167 -6.30 3.00 31.12
C VAL C 167 -6.40 1.50 30.86
N ASN C 168 -5.52 0.74 31.49
CA ASN C 168 -5.52 -0.71 31.40
C ASN C 168 -5.49 -1.16 32.85
N PRO C 169 -6.49 -1.92 33.28
CA PRO C 169 -6.50 -2.37 34.67
C PRO C 169 -5.16 -2.94 35.16
N ASP C 170 -4.50 -3.70 34.29
CA ASP C 170 -3.23 -4.34 34.66
C ASP C 170 -2.03 -3.44 34.85
N PHE C 171 -2.17 -2.16 34.50
CA PHE C 171 -1.08 -1.20 34.66
C PHE C 171 -0.81 -0.96 36.14
N CYS C 172 -1.74 -1.38 36.98
CA CYS C 172 -1.62 -1.17 38.42
C CYS C 172 -0.37 -1.78 39.06
N HIS C 173 0.11 -2.91 38.53
CA HIS C 173 1.33 -3.45 39.12
C HIS C 173 2.55 -3.14 38.27
N LEU C 174 2.62 -1.88 37.85
CA LEU C 174 3.71 -1.38 37.02
C LEU C 174 4.44 -0.23 37.70
N TRP C 175 3.78 0.40 38.67
CA TRP C 175 4.35 1.55 39.38
C TRP C 175 5.76 1.43 39.95
N PRO C 176 6.16 0.25 40.45
CA PRO C 176 7.52 0.22 40.99
C PRO C 176 8.60 0.52 39.95
N LEU C 177 8.21 0.56 38.68
CA LEU C 177 9.13 0.85 37.57
C LEU C 177 9.11 2.30 37.14
N ILE C 178 8.22 3.10 37.74
CA ILE C 178 8.04 4.49 37.36
C ILE C 178 8.67 5.55 38.25
N ASP C 179 9.19 6.59 37.62
CA ASP C 179 9.79 7.71 38.35
C ASP C 179 8.72 8.81 38.45
N ILE C 180 8.07 9.08 37.33
CA ILE C 180 7.02 10.10 37.28
C ILE C 180 5.73 9.55 36.70
N ALA C 181 4.65 9.70 37.47
CA ALA C 181 3.34 9.24 37.05
C ALA C 181 2.43 10.46 36.91
N VAL C 182 1.73 10.52 35.78
CA VAL C 182 0.80 11.62 35.48
C VAL C 182 -0.55 10.94 35.23
N VAL C 183 -1.51 11.17 36.12
CA VAL C 183 -2.82 10.52 36.01
C VAL C 183 -4.04 11.42 36.16
N ASN C 184 -5.17 10.89 35.71
CA ASN C 184 -6.48 11.53 35.79
C ASN C 184 -6.95 11.19 37.17
N GLU C 185 -8.09 11.73 37.58
CA GLU C 185 -8.64 11.40 38.89
C GLU C 185 -9.14 9.97 38.74
N SER C 186 -9.66 9.66 37.56
CA SER C 186 -10.17 8.32 37.24
C SER C 186 -9.03 7.29 37.29
N GLU C 187 -7.95 7.60 36.60
CA GLU C 187 -6.81 6.71 36.57
C GLU C 187 -6.15 6.61 37.94
N ALA C 188 -6.09 7.74 38.65
CA ALA C 188 -5.47 7.76 39.97
C ALA C 188 -6.14 6.75 40.88
N GLU C 189 -7.45 6.63 40.73
CA GLU C 189 -8.22 5.70 41.55
C GLU C 189 -8.23 4.29 40.98
N LEU C 190 -8.34 4.18 39.67
CA LEU C 190 -8.42 2.87 39.03
C LEU C 190 -7.10 2.13 39.00
N LEU C 191 -5.98 2.84 39.02
CA LEU C 191 -4.66 2.19 38.97
C LEU C 191 -3.91 2.33 40.29
N GLN C 192 -4.34 3.28 41.11
CA GLN C 192 -3.77 3.48 42.43
C GLN C 192 -2.24 3.64 42.49
N PRO C 193 -1.71 4.75 41.96
CA PRO C 193 -0.26 4.99 41.98
C PRO C 193 0.34 4.93 43.40
N TYR C 194 1.55 4.40 43.53
CA TYR C 194 2.20 4.33 44.85
C TYR C 194 3.71 4.25 44.74
N GLY C 195 4.40 4.78 45.74
CA GLY C 195 5.85 4.76 45.76
C GLY C 195 6.49 5.27 44.48
N VAL C 196 6.05 6.43 44.03
CA VAL C 196 6.59 7.05 42.83
C VAL C 196 7.17 8.39 43.26
N LYS C 197 8.42 8.64 42.89
CA LYS C 197 9.10 9.89 43.25
C LYS C 197 8.20 11.10 43.05
N THR C 198 7.54 11.15 41.91
CA THR C 198 6.64 12.26 41.62
C THR C 198 5.30 11.75 41.09
N LEU C 199 4.22 12.20 41.73
CA LEU C 199 2.88 11.84 41.29
C LEU C 199 2.18 13.13 40.91
N VAL C 200 1.54 13.12 39.75
CA VAL C 200 0.80 14.30 39.30
C VAL C 200 -0.61 13.84 38.92
N ILE C 201 -1.59 14.43 39.58
CA ILE C 201 -2.98 14.09 39.32
C ILE C 201 -3.65 15.29 38.66
N THR C 202 -4.04 15.12 37.40
CA THR C 202 -4.69 16.20 36.68
C THR C 202 -6.20 16.13 36.83
N GLN C 203 -6.84 17.30 36.96
CA GLN C 203 -8.29 17.38 37.11
C GLN C 203 -8.88 18.39 36.14
N GLY C 204 -8.34 18.40 34.93
CA GLY C 204 -8.83 19.31 33.92
C GLY C 204 -8.93 20.74 34.41
N ALA C 205 -10.07 21.36 34.12
CA ALA C 205 -10.33 22.74 34.52
C ALA C 205 -10.24 22.95 36.02
N ALA C 206 -10.35 21.89 36.80
CA ALA C 206 -10.27 21.99 38.26
C ALA C 206 -8.84 21.92 38.81
N GLY C 207 -7.87 22.45 38.06
CA GLY C 207 -6.50 22.44 38.53
C GLY C 207 -5.81 21.09 38.50
N ALA C 208 -4.68 21.00 39.20
CA ALA C 208 -3.90 19.77 39.24
C ALA C 208 -3.10 19.64 40.55
N TRP C 209 -2.80 18.41 40.94
CA TRP C 209 -2.05 18.15 42.16
C TRP C 209 -0.64 17.63 41.88
N LEU C 210 0.31 18.07 42.69
CA LEU C 210 1.67 17.60 42.61
C LEU C 210 1.93 16.95 43.97
N VAL C 211 2.18 15.65 43.95
CA VAL C 211 2.43 14.88 45.17
C VAL C 211 3.84 14.33 45.23
N GLN C 212 4.64 14.86 46.15
CA GLN C 212 6.04 14.43 46.31
C GLN C 212 6.46 14.39 47.78
N GLU C 213 7.24 13.38 48.13
CA GLU C 213 7.75 13.24 49.50
C GLU C 213 6.67 13.52 50.56
N GLY C 214 5.45 13.03 50.32
CA GLY C 214 4.37 13.25 51.26
C GLY C 214 3.67 14.59 51.10
N GLN C 215 4.36 15.57 50.55
CA GLN C 215 3.82 16.92 50.34
C GLN C 215 2.82 17.02 49.18
N ARG C 216 1.78 17.82 49.38
CA ARG C 216 0.74 18.02 48.38
C ARG C 216 0.62 19.50 48.00
N GLN C 217 0.63 19.77 46.70
CA GLN C 217 0.49 21.13 46.20
C GLN C 217 -0.59 21.16 45.11
N PHE C 218 -1.45 22.17 45.16
CA PHE C 218 -2.51 22.27 44.18
C PHE C 218 -2.30 23.43 43.24
N CYS C 219 -2.23 23.15 41.95
CA CYS C 219 -2.06 24.22 40.98
C CYS C 219 -3.39 24.45 40.29
N PRO C 220 -4.07 25.55 40.61
CA PRO C 220 -5.36 25.83 39.98
C PRO C 220 -5.14 26.04 38.49
N ALA C 221 -6.14 25.68 37.70
CA ALA C 221 -6.05 25.83 36.26
C ALA C 221 -6.22 27.30 35.85
N VAL C 222 -5.68 27.66 34.69
CA VAL C 222 -5.80 29.00 34.14
C VAL C 222 -7.16 29.04 33.46
N PRO C 223 -8.02 30.01 33.80
CA PRO C 223 -9.33 30.01 33.12
C PRO C 223 -9.19 30.10 31.59
N ALA C 224 -10.11 29.47 30.87
CA ALA C 224 -10.03 29.47 29.41
C ALA C 224 -11.32 29.09 28.69
N GLU C 225 -11.46 29.55 27.45
CA GLU C 225 -12.62 29.20 26.64
C GLU C 225 -12.32 27.83 26.05
N ALA C 226 -13.10 26.82 26.47
CA ALA C 226 -12.89 25.47 25.99
C ALA C 226 -13.83 25.12 24.84
N LEU C 227 -13.46 25.46 23.62
CA LEU C 227 -14.31 25.12 22.50
C LEU C 227 -13.91 23.76 21.94
N ASP C 228 -12.70 23.33 22.29
CA ASP C 228 -12.22 22.01 21.88
C ASP C 228 -11.23 21.47 22.91
N THR C 229 -11.67 20.45 23.63
CA THR C 229 -10.89 19.87 24.72
C THR C 229 -9.76 18.90 24.37
N THR C 230 -9.81 18.35 23.17
CA THR C 230 -8.80 17.39 22.76
C THR C 230 -7.36 17.92 22.87
N GLY C 231 -6.50 17.14 23.52
CA GLY C 231 -5.10 17.52 23.66
C GLY C 231 -4.69 18.31 24.89
N ALA C 232 -5.64 18.64 25.75
CA ALA C 232 -5.34 19.40 26.96
C ALA C 232 -4.43 18.64 27.89
N GLY C 233 -4.73 17.37 28.14
CA GLY C 233 -3.91 16.57 29.02
C GLY C 233 -2.51 16.37 28.49
N ASP C 234 -2.41 16.08 27.20
CA ASP C 234 -1.11 15.86 26.58
C ASP C 234 -0.28 17.13 26.61
N THR C 235 -0.93 18.27 26.41
CA THR C 235 -0.21 19.52 26.44
C THR C 235 0.30 19.80 27.85
N PHE C 236 -0.58 19.63 28.83
CA PHE C 236 -0.24 19.84 30.23
C PHE C 236 0.96 18.99 30.65
N LEU C 237 0.97 17.72 30.25
CA LEU C 237 2.08 16.83 30.61
C LEU C 237 3.41 17.16 29.91
N ALA C 238 3.35 17.39 28.60
CA ALA C 238 4.56 17.69 27.85
C ALA C 238 5.23 18.98 28.32
N VAL C 239 4.42 20.00 28.59
CA VAL C 239 4.94 21.29 29.03
C VAL C 239 5.40 21.26 30.49
N LEU C 241 6.70 18.64 32.01
CA LEU C 241 7.96 17.91 31.90
C LEU C 241 9.05 18.77 31.24
N ALA C 242 8.68 19.54 30.23
CA ALA C 242 9.62 20.40 29.52
C ALA C 242 10.14 21.49 30.44
N SER C 243 9.22 22.14 31.16
CA SER C 243 9.60 23.20 32.07
C SER C 243 10.57 22.72 33.16
N ALA C 244 10.43 21.47 33.60
CA ALA C 244 11.33 20.95 34.63
C ALA C 244 12.70 20.67 34.02
N LEU C 245 12.69 19.99 32.87
CA LEU C 245 13.91 19.65 32.16
C LEU C 245 14.75 20.89 31.81
N LEU C 246 14.12 21.93 31.28
CA LEU C 246 14.86 23.14 30.95
C LEU C 246 15.56 23.66 32.18
N ARG C 247 14.76 24.10 33.15
CA ARG C 247 15.26 24.62 34.41
C ARG C 247 16.08 23.59 35.20
N GLY C 248 16.17 22.37 34.68
CA GLY C 248 16.96 21.32 35.33
C GLY C 248 16.52 20.78 36.68
N VAL C 249 15.28 21.02 37.08
CA VAL C 249 14.80 20.52 38.37
C VAL C 249 13.87 19.33 38.18
N ALA C 250 13.19 18.93 39.24
CA ALA C 250 12.24 17.83 39.19
C ALA C 250 10.87 18.48 39.06
N PRO C 251 9.87 17.75 38.54
CA PRO C 251 8.56 18.40 38.41
C PRO C 251 8.21 19.20 39.66
N ASP C 252 8.07 20.51 39.49
CA ASP C 252 7.76 21.38 40.62
C ASP C 252 6.50 22.22 40.35
N ALA C 253 6.14 23.08 41.28
CA ALA C 253 4.94 23.90 41.14
C ALA C 253 4.93 24.87 39.96
N LEU C 254 6.09 25.39 39.59
CA LEU C 254 6.16 26.33 38.47
C LEU C 254 5.91 25.58 37.17
N ALA C 255 6.30 24.30 37.16
CA ALA C 255 6.12 23.46 36.00
C ALA C 255 4.63 23.29 35.73
N LEU C 256 3.84 23.14 36.81
CA LEU C 256 2.40 22.98 36.66
C LEU C 256 1.80 24.31 36.24
N ALA C 257 2.40 25.39 36.74
CA ALA C 257 1.94 26.73 36.42
C ALA C 257 2.09 26.95 34.93
N HIS C 258 3.15 26.41 34.35
CA HIS C 258 3.39 26.56 32.91
C HIS C 258 2.47 25.65 32.12
N ALA C 259 2.31 24.41 32.58
CA ALA C 259 1.45 23.44 31.90
C ALA C 259 0.01 23.95 31.86
N SER C 260 -0.43 24.59 32.93
CA SER C 260 -1.78 25.10 32.98
C SER C 260 -1.94 26.18 31.92
N ARG C 261 -0.92 27.01 31.74
CA ARG C 261 -0.97 28.06 30.73
C ARG C 261 -0.92 27.49 29.32
N ALA C 262 -0.06 26.49 29.10
CA ALA C 262 0.04 25.87 27.79
C ALA C 262 -1.30 25.21 27.43
N ALA C 263 -1.88 24.48 28.38
CA ALA C 263 -3.13 23.78 28.18
C ALA C 263 -4.33 24.67 27.86
N ALA C 264 -4.33 25.88 28.41
CA ALA C 264 -5.44 26.81 28.19
C ALA C 264 -5.44 27.26 26.73
N ILE C 265 -4.26 27.39 26.13
CA ILE C 265 -4.15 27.79 24.74
C ILE C 265 -4.69 26.65 23.86
N THR C 266 -4.30 25.42 24.18
CA THR C 266 -4.76 24.25 23.43
C THR C 266 -6.27 24.08 23.39
N VAL C 267 -6.93 24.14 24.54
CA VAL C 267 -8.38 23.95 24.57
C VAL C 267 -9.15 25.11 23.94
N SER C 268 -8.47 26.22 23.70
CA SER C 268 -9.13 27.37 23.09
C SER C 268 -9.07 27.30 21.57
N ARG C 269 -8.52 26.21 21.03
CA ARG C 269 -8.41 26.04 19.57
C ARG C 269 -8.96 24.70 19.09
N ARG C 270 -9.43 24.68 17.85
CA ARG C 270 -9.98 23.48 17.25
C ARG C 270 -8.90 22.49 16.82
N GLY C 271 -9.25 21.22 16.87
CA GLY C 271 -8.33 20.17 16.47
C GLY C 271 -7.36 19.67 17.52
N THR C 272 -6.37 18.92 17.05
CA THR C 272 -5.34 18.35 17.89
C THR C 272 -4.01 19.06 17.60
N LEU C 273 -3.20 18.50 16.70
CA LEU C 273 -1.91 19.09 16.35
C LEU C 273 -2.05 20.56 15.96
N SER C 274 -3.12 20.87 15.25
CA SER C 274 -3.37 22.22 14.78
C SER C 274 -3.74 23.22 15.88
N ALA C 275 -4.02 22.72 17.09
CA ALA C 275 -4.41 23.57 18.21
C ALA C 275 -3.30 23.76 19.24
N PHE C 276 -2.19 23.07 19.08
CA PHE C 276 -1.11 23.20 20.05
C PHE C 276 -0.36 24.53 19.96
N PRO C 277 0.10 25.05 21.12
CA PRO C 277 0.84 26.31 21.15
C PRO C 277 2.08 26.24 20.27
N GLY C 278 2.34 27.32 19.54
CA GLY C 278 3.51 27.36 18.67
C GLY C 278 4.83 27.35 19.41
N SER C 279 5.86 26.92 18.71
CA SER C 279 7.19 26.84 19.30
C SER C 279 7.57 28.14 20.01
N ARG C 280 7.21 29.27 19.42
CA ARG C 280 7.54 30.56 20.03
C ARG C 280 6.66 30.90 21.23
N GLU C 281 5.38 30.56 21.17
CA GLU C 281 4.49 30.85 22.29
C GLU C 281 4.93 30.08 23.53
N LEU C 282 5.48 28.89 23.33
CA LEU C 282 5.95 28.07 24.44
C LEU C 282 7.20 28.64 25.09
N ALA C 283 8.14 29.14 24.27
CA ALA C 283 9.36 29.71 24.80
C ALA C 283 9.01 30.96 25.63
N ALA C 284 8.08 31.74 25.11
CA ALA C 284 7.63 32.96 25.81
C ALA C 284 7.03 32.52 27.15
N LEU C 285 6.28 31.44 27.09
CA LEU C 285 5.62 30.87 28.25
C LEU C 285 6.62 30.37 29.30
N LEU C 286 7.59 29.59 28.86
CA LEU C 286 8.58 29.00 29.76
C LEU C 286 9.58 29.95 30.42
N THR C 287 9.69 31.17 29.92
CA THR C 287 10.62 32.12 30.53
C THR C 287 10.01 32.74 31.78
N LEU D 3 38.40 23.39 -23.42
CA LEU D 3 38.65 21.95 -23.72
C LEU D 3 37.50 21.10 -23.20
N ARG D 4 37.01 20.17 -24.01
CA ARG D 4 35.89 19.35 -23.61
C ARG D 4 36.17 17.90 -23.31
N VAL D 5 35.22 17.26 -22.63
CA VAL D 5 35.33 15.86 -22.26
C VAL D 5 34.42 14.99 -23.12
N TYR D 6 34.97 13.88 -23.60
CA TYR D 6 34.22 12.91 -24.39
C TYR D 6 34.16 11.64 -23.58
N VAL D 7 32.97 11.25 -23.16
CA VAL D 7 32.82 10.02 -22.39
C VAL D 7 32.23 8.91 -23.25
N THR D 8 32.97 7.81 -23.40
CA THR D 8 32.52 6.68 -24.19
C THR D 8 32.29 5.55 -23.20
N GLY D 9 31.05 5.36 -22.78
CA GLY D 9 30.77 4.31 -21.82
C GLY D 9 29.37 3.75 -21.99
N ASN D 10 28.73 3.40 -20.89
CA ASN D 10 27.39 2.85 -21.00
C ASN D 10 26.33 3.68 -20.28
N ILE D 11 25.07 3.47 -20.67
CA ILE D 11 23.94 4.11 -20.03
C ILE D 11 23.05 2.94 -19.64
N THR D 12 22.59 2.92 -18.40
CA THR D 12 21.72 1.84 -17.94
C THR D 12 20.55 2.31 -17.10
N VAL D 13 19.66 1.36 -16.79
CA VAL D 13 18.55 1.63 -15.91
C VAL D 13 18.96 0.83 -14.68
N ASP D 14 19.12 1.52 -13.55
CA ASP D 14 19.51 0.86 -12.31
C ASP D 14 18.33 0.37 -11.46
N GLU D 15 18.32 -0.93 -11.15
CA GLU D 15 17.27 -1.52 -10.32
C GLU D 15 17.93 -1.97 -9.02
N THR D 16 17.57 -1.34 -7.92
CA THR D 16 18.17 -1.67 -6.64
C THR D 16 17.30 -2.58 -5.77
N TRP D 17 17.82 -3.77 -5.50
CA TRP D 17 17.11 -4.74 -4.69
C TRP D 17 17.69 -4.80 -3.30
N SER D 18 16.85 -4.55 -2.29
CA SER D 18 17.32 -4.64 -0.94
C SER D 18 17.09 -6.07 -0.47
N ILE D 19 18.16 -6.72 -0.04
CA ILE D 19 18.12 -8.09 0.46
C ILE D 19 18.94 -8.11 1.74
N PRO D 20 18.91 -9.23 2.47
CA PRO D 20 19.68 -9.35 3.71
C PRO D 20 21.09 -9.88 3.43
N ASP D 21 21.23 -10.76 2.44
CA ASP D 21 22.55 -11.31 2.09
C ASP D 21 22.52 -11.91 0.68
N ILE D 22 23.62 -11.79 -0.06
CA ILE D 22 23.70 -12.36 -1.42
C ILE D 22 23.22 -13.82 -1.39
N PRO D 23 22.37 -14.23 -2.33
CA PRO D 23 21.94 -15.62 -2.29
C PRO D 23 23.11 -16.56 -2.60
N LYS D 24 23.30 -17.60 -1.80
CA LYS D 24 24.37 -18.55 -2.07
C LYS D 24 23.76 -19.52 -3.08
N LYS D 25 24.56 -20.00 -4.02
CA LYS D 25 24.02 -20.89 -5.04
C LYS D 25 23.08 -21.93 -4.45
N GLY D 26 21.98 -22.16 -5.15
CA GLY D 26 21.00 -23.14 -4.67
C GLY D 26 19.92 -22.54 -3.80
N ALA D 27 20.17 -21.37 -3.23
CA ALA D 27 19.20 -20.72 -2.36
C ALA D 27 18.32 -19.69 -3.06
N SER D 28 17.09 -19.55 -2.59
CA SER D 28 16.14 -18.59 -3.13
C SER D 28 15.61 -17.77 -1.95
N ILE D 29 16.08 -16.52 -1.85
CA ILE D 29 15.69 -15.64 -0.77
C ILE D 29 14.61 -14.64 -1.14
N HIS D 30 14.31 -13.75 -0.21
CA HIS D 30 13.29 -12.74 -0.40
C HIS D 30 13.92 -11.35 -0.39
N GLY D 31 13.53 -10.52 -1.35
CA GLY D 31 14.08 -9.18 -1.42
C GLY D 31 13.03 -8.11 -1.66
N VAL D 32 13.45 -6.85 -1.63
CA VAL D 32 12.56 -5.73 -1.84
C VAL D 32 13.11 -4.72 -2.86
N LYS D 33 12.41 -4.55 -3.98
CA LYS D 33 12.83 -3.59 -4.99
C LYS D 33 12.63 -2.21 -4.41
N VAL D 34 13.72 -1.49 -4.19
CA VAL D 34 13.66 -0.18 -3.58
C VAL D 34 13.96 1.02 -4.46
N SER D 35 14.24 0.78 -5.73
CA SER D 35 14.59 1.88 -6.62
C SER D 35 14.81 1.48 -8.07
N GLN D 36 14.46 2.38 -8.98
CA GLN D 36 14.62 2.17 -10.41
C GLN D 36 15.02 3.56 -10.94
N ASP D 37 16.25 3.68 -11.42
CA ASP D 37 16.72 4.98 -11.90
C ASP D 37 17.59 4.87 -13.16
N ILE D 38 17.94 6.01 -13.74
CA ILE D 38 18.81 6.00 -14.91
C ILE D 38 20.21 5.98 -14.29
N GLY D 39 21.10 5.19 -14.88
CA GLY D 39 22.45 5.10 -14.35
C GLY D 39 23.47 4.67 -15.37
N GLY D 40 24.54 4.03 -14.87
CA GLY D 40 25.60 3.57 -15.75
C GLY D 40 26.87 4.41 -15.65
N LYS D 41 28.02 3.75 -15.63
CA LYS D 41 29.31 4.43 -15.57
C LYS D 41 29.46 5.22 -16.86
N GLY D 42 30.04 6.39 -16.80
CA GLY D 42 30.18 7.13 -18.04
C GLY D 42 28.95 7.99 -18.24
N ALA D 43 27.78 7.39 -18.07
CA ALA D 43 26.53 8.14 -18.17
C ALA D 43 26.53 8.99 -16.91
N ASN D 44 26.74 8.35 -15.76
CA ASN D 44 26.80 9.04 -14.47
C ASN D 44 27.93 10.08 -14.47
N GLN D 45 29.09 9.68 -14.95
CA GLN D 45 30.23 10.59 -14.97
C GLN D 45 30.02 11.76 -15.92
N ALA D 46 29.50 11.49 -17.12
CA ALA D 46 29.27 12.57 -18.08
C ALA D 46 28.22 13.56 -17.57
N ILE D 47 27.18 13.05 -16.93
CA ILE D 47 26.12 13.90 -16.39
C ILE D 47 26.68 14.85 -15.31
N ILE D 48 27.30 14.28 -14.29
CA ILE D 48 27.87 15.09 -13.20
C ILE D 48 28.91 16.06 -13.73
N LEU D 49 29.59 15.63 -14.80
CA LEU D 49 30.64 16.41 -15.42
C LEU D 49 30.02 17.65 -16.05
N SER D 50 28.97 17.45 -16.84
CA SER D 50 28.31 18.56 -17.48
C SER D 50 27.59 19.47 -16.50
N ARG D 51 27.03 18.90 -15.44
CA ARG D 51 26.32 19.71 -14.46
C ARG D 51 27.30 20.58 -13.67
N CYS D 52 28.58 20.27 -13.78
CA CYS D 52 29.61 21.06 -13.11
C CYS D 52 30.01 22.22 -14.00
N GLY D 53 29.62 22.16 -15.28
CA GLY D 53 29.95 23.24 -16.19
C GLY D 53 30.93 22.94 -17.31
N ILE D 54 31.45 21.73 -17.35
CA ILE D 54 32.38 21.38 -18.42
C ILE D 54 31.55 20.90 -19.60
N GLU D 55 31.88 21.37 -20.80
CA GLU D 55 31.18 20.93 -21.99
C GLU D 55 31.52 19.46 -22.13
N THR D 56 30.53 18.60 -21.90
CA THR D 56 30.74 17.16 -21.96
C THR D 56 29.93 16.52 -23.07
N ARG D 57 30.39 15.40 -23.57
CA ARG D 57 29.66 14.71 -24.61
C ARG D 57 29.68 13.21 -24.36
N LEU D 58 28.50 12.66 -24.07
CA LEU D 58 28.35 11.23 -23.80
C LEU D 58 28.12 10.46 -25.09
N ILE D 59 28.92 9.42 -25.30
CA ILE D 59 28.78 8.59 -26.49
C ILE D 59 28.46 7.19 -25.98
N ALA D 60 27.18 6.87 -25.92
CA ALA D 60 26.72 5.56 -25.43
C ALA D 60 25.52 5.04 -26.19
N ALA D 61 25.22 3.75 -26.01
CA ALA D 61 24.10 3.14 -26.72
C ALA D 61 22.85 2.90 -25.87
N THR D 62 21.69 3.09 -26.49
CA THR D 62 20.38 2.85 -25.87
C THR D 62 19.61 2.00 -26.89
N GLY D 63 18.70 1.15 -26.40
CA GLY D 63 17.96 0.30 -27.31
C GLY D 63 16.52 0.74 -27.54
N ASN D 64 15.87 0.16 -28.55
CA ASN D 64 14.48 0.50 -28.87
C ASN D 64 13.57 -0.12 -27.82
N ASP D 65 13.96 0.06 -26.56
CA ASP D 65 13.26 -0.46 -25.40
C ASP D 65 12.40 0.66 -24.81
N SER D 66 11.71 0.34 -23.72
CA SER D 66 10.88 1.29 -23.00
C SER D 66 11.83 2.07 -22.09
N ASN D 67 12.81 1.36 -21.54
CA ASN D 67 13.81 1.96 -20.67
C ASN D 67 14.66 2.90 -21.53
N GLY D 68 14.89 2.48 -22.77
CA GLY D 68 15.66 3.32 -23.67
C GLY D 68 14.99 4.66 -23.79
N ALA D 69 13.74 4.64 -24.24
CA ALA D 69 12.96 5.85 -24.40
C ALA D 69 13.05 6.67 -23.12
N TRP D 70 12.87 6.01 -21.98
CA TRP D 70 12.94 6.69 -20.70
C TRP D 70 14.32 7.34 -20.55
N ILE D 71 15.36 6.58 -20.88
CA ILE D 71 16.72 7.08 -20.80
C ILE D 71 16.88 8.34 -21.64
N ARG D 72 16.56 8.21 -22.93
CA ARG D 72 16.66 9.32 -23.86
C ARG D 72 15.91 10.56 -23.38
N GLN D 73 14.76 10.35 -22.73
CA GLN D 73 13.97 11.48 -22.24
C GLN D 73 14.62 12.15 -21.02
N GLN D 74 15.19 11.33 -20.14
CA GLN D 74 15.84 11.83 -18.93
C GLN D 74 17.10 12.63 -19.24
N ILE D 75 17.81 12.21 -20.27
CA ILE D 75 19.03 12.86 -20.66
C ILE D 75 18.76 14.07 -21.55
N LYS D 76 17.67 14.00 -22.32
CA LYS D 76 17.30 15.11 -23.20
C LYS D 76 17.17 16.37 -22.35
N ASN D 77 16.86 16.19 -21.07
CA ASN D 77 16.71 17.31 -20.15
C ASN D 77 17.91 17.45 -19.20
N GLU D 78 19.10 17.45 -19.80
CA GLU D 78 20.37 17.61 -19.09
C GLU D 78 21.23 18.43 -20.05
N PRO D 79 22.31 19.05 -19.56
CA PRO D 79 23.16 19.84 -20.46
C PRO D 79 24.06 18.89 -21.24
N LEU D 80 23.67 17.62 -21.22
CA LEU D 80 24.45 16.58 -21.87
C LEU D 80 23.98 16.14 -23.25
N LEU D 82 23.90 13.48 -26.05
CA LEU D 82 23.98 12.03 -26.11
C LEU D 82 24.10 11.57 -27.55
N LEU D 83 25.18 10.86 -27.85
CA LEU D 83 25.40 10.34 -29.19
C LEU D 83 25.51 8.81 -29.18
N PRO D 84 25.06 8.16 -30.26
CA PRO D 84 24.48 8.81 -31.44
C PRO D 84 23.08 9.37 -31.22
N ASP D 85 22.43 9.72 -32.32
CA ASP D 85 21.09 10.30 -32.33
C ASP D 85 19.96 9.31 -32.01
N GLY D 86 19.91 8.23 -32.76
CA GLY D 86 18.86 7.24 -32.56
C GLY D 86 19.36 6.06 -31.76
N HIS D 87 18.45 5.12 -31.53
CA HIS D 87 18.73 3.91 -30.76
C HIS D 87 19.21 2.76 -31.65
N PHE D 88 19.70 1.71 -31.02
CA PHE D 88 20.18 0.52 -31.72
C PHE D 88 19.10 -0.57 -31.64
N ASN D 89 19.05 -1.43 -32.66
CA ASN D 89 18.08 -2.52 -32.74
C ASN D 89 18.30 -3.57 -31.65
N GLN D 90 18.25 -3.14 -30.39
CA GLN D 90 18.43 -4.03 -29.27
C GLN D 90 17.82 -3.47 -27.99
N HIS D 91 17.97 -4.21 -26.90
CA HIS D 91 17.41 -3.80 -25.61
C HIS D 91 18.23 -2.65 -25.03
N SER D 92 18.20 -2.50 -23.70
CA SER D 92 18.92 -1.44 -23.04
C SER D 92 19.66 -2.00 -21.85
N ASP D 93 20.96 -1.74 -21.78
CA ASP D 93 21.73 -2.23 -20.65
C ASP D 93 21.01 -1.82 -19.38
N THR D 94 21.10 -2.66 -18.36
CA THR D 94 20.49 -2.41 -17.07
C THR D 94 21.44 -3.00 -16.05
N SER D 95 21.34 -2.54 -14.81
CA SER D 95 22.22 -3.04 -13.76
C SER D 95 21.42 -3.42 -12.52
N ILE D 96 21.66 -4.64 -12.02
CA ILE D 96 21.01 -5.14 -10.82
C ILE D 96 21.97 -4.78 -9.71
N ILE D 97 21.50 -4.07 -8.69
CA ILE D 97 22.36 -3.74 -7.57
C ILE D 97 21.77 -4.44 -6.38
N LEU D 98 22.47 -5.42 -5.83
CA LEU D 98 21.96 -6.13 -4.67
C LEU D 98 22.33 -5.32 -3.46
N ASN D 99 21.34 -4.63 -2.92
CA ASN D 99 21.56 -3.79 -1.75
C ASN D 99 21.85 -4.66 -0.55
N SER D 100 23.13 -4.67 -0.20
CA SER D 100 23.70 -5.44 0.89
C SER D 100 22.83 -5.87 2.06
N ALA D 101 22.69 -4.96 3.03
CA ALA D 101 21.96 -5.14 4.29
C ALA D 101 22.98 -4.66 5.34
N ASP D 102 24.13 -4.20 4.85
CA ASP D 102 25.22 -3.67 5.66
C ASP D 102 26.58 -4.05 5.07
N GLY D 103 26.61 -5.03 4.17
CA GLY D 103 27.86 -5.39 3.54
C GLY D 103 28.15 -4.25 2.56
N ASP D 104 28.47 -4.60 1.31
CA ASP D 104 28.70 -3.56 0.32
C ASP D 104 27.88 -3.95 -0.89
N ASN D 105 27.35 -2.98 -1.62
CA ASN D 105 26.53 -3.30 -2.80
C ASN D 105 27.33 -4.15 -3.77
N ALA D 106 26.61 -4.91 -4.58
CA ALA D 106 27.24 -5.75 -5.58
C ALA D 106 26.42 -5.46 -6.81
N ILE D 107 27.06 -5.31 -7.96
CA ILE D 107 26.34 -5.03 -9.19
C ILE D 107 26.58 -6.07 -10.27
N ILE D 108 25.65 -6.13 -11.21
CA ILE D 108 25.69 -7.02 -12.36
C ILE D 108 25.14 -6.13 -13.46
N THR D 109 25.91 -5.90 -14.51
CA THR D 109 25.45 -5.04 -15.58
C THR D 109 25.41 -5.75 -16.92
N THR D 110 24.46 -5.36 -17.76
CA THR D 110 24.31 -5.93 -19.10
C THR D 110 25.27 -5.15 -19.98
N THR D 111 25.45 -5.60 -21.21
CA THR D 111 26.37 -4.93 -22.11
C THR D 111 26.07 -5.17 -23.58
N ALA D 112 24.99 -5.91 -23.86
CA ALA D 112 24.60 -6.20 -25.23
C ALA D 112 24.41 -4.93 -26.05
N ALA D 113 24.01 -3.86 -25.38
CA ALA D 113 23.80 -2.58 -26.05
C ALA D 113 25.14 -1.92 -26.34
N ALA D 114 26.00 -1.85 -25.34
CA ALA D 114 27.31 -1.23 -25.50
C ALA D 114 28.16 -2.01 -26.49
N ASP D 115 27.84 -3.28 -26.69
CA ASP D 115 28.60 -4.13 -27.60
C ASP D 115 28.19 -4.01 -29.05
N THR D 116 26.93 -3.70 -29.29
CA THR D 116 26.46 -3.55 -30.66
C THR D 116 27.00 -2.24 -31.23
N PHE D 117 27.34 -1.32 -30.33
CA PHE D 117 27.84 -0.02 -30.74
C PHE D 117 28.99 -0.13 -31.72
N SER D 118 30.10 -0.70 -31.28
CA SER D 118 31.27 -0.91 -32.13
C SER D 118 32.16 0.31 -32.40
N LEU D 119 33.46 0.06 -32.35
CA LEU D 119 34.52 1.06 -32.54
C LEU D 119 34.42 1.92 -33.79
N ASP D 120 34.16 1.30 -34.93
CA ASP D 120 34.06 2.01 -36.19
C ASP D 120 32.86 2.95 -36.19
N GLU D 121 31.89 2.64 -35.34
CA GLU D 121 30.69 3.45 -35.24
C GLU D 121 30.86 4.58 -34.23
N ILE D 123 34.10 6.27 -33.02
CA ILE D 123 35.02 7.38 -33.28
C ILE D 123 34.46 8.55 -34.09
N PRO D 124 33.66 8.29 -35.15
CA PRO D 124 33.17 9.48 -35.87
C PRO D 124 32.47 10.51 -34.98
N HIS D 125 32.16 10.13 -33.75
CA HIS D 125 31.50 11.03 -32.81
C HIS D 125 32.52 11.87 -32.03
N ALA D 127 35.21 13.10 -34.01
CA ALA D 127 35.90 13.73 -35.12
C ALA D 127 36.28 15.19 -34.89
N ASP D 128 35.51 15.92 -34.09
CA ASP D 128 35.82 17.32 -33.86
C ASP D 128 36.64 17.53 -32.59
N ALA D 129 37.18 16.46 -32.04
CA ALA D 129 37.99 16.57 -30.83
C ALA D 129 39.38 17.12 -31.16
N VAL D 130 39.95 17.92 -30.26
CA VAL D 130 41.28 18.47 -30.48
C VAL D 130 42.25 18.19 -29.35
N ALA D 131 43.53 18.51 -29.61
CA ALA D 131 44.65 18.31 -28.70
C ALA D 131 44.41 18.16 -27.19
N GLY D 132 44.01 19.21 -26.49
CA GLY D 132 43.81 19.04 -25.06
C GLY D 132 42.53 18.39 -24.56
N ASP D 133 41.60 18.07 -25.47
CA ASP D 133 40.34 17.45 -25.07
C ASP D 133 40.58 16.14 -24.32
N ILE D 134 39.58 15.71 -23.56
CA ILE D 134 39.69 14.51 -22.76
C ILE D 134 38.80 13.35 -23.19
N LEU D 135 39.36 12.14 -23.14
CA LEU D 135 38.60 10.94 -23.44
C LEU D 135 38.54 10.23 -22.11
N LEU D 136 37.35 10.19 -21.53
CA LEU D 136 37.14 9.51 -20.26
C LEU D 136 36.54 8.17 -20.62
N GLN D 137 37.04 7.12 -19.99
CA GLN D 137 36.55 5.79 -20.31
C GLN D 137 36.45 4.97 -19.06
N GLN D 138 35.44 4.11 -18.95
CA GLN D 138 35.37 3.29 -17.74
C GLN D 138 35.73 1.87 -18.11
N GLY D 139 35.14 0.89 -17.43
CA GLY D 139 35.48 -0.50 -17.72
C GLY D 139 34.37 -1.36 -18.27
N ASN D 140 33.53 -0.82 -19.14
CA ASN D 140 32.44 -1.63 -19.69
C ASN D 140 32.65 -2.19 -21.09
N PHE D 141 33.77 -1.87 -21.71
CA PHE D 141 34.05 -2.40 -23.03
C PHE D 141 35.10 -3.47 -22.90
N SER D 142 35.29 -4.22 -23.98
CA SER D 142 36.29 -5.28 -24.02
C SER D 142 37.67 -4.62 -24.03
N LEU D 143 38.72 -5.43 -23.93
CA LEU D 143 40.06 -4.87 -23.95
C LEU D 143 40.39 -4.27 -25.32
N ASP D 144 39.96 -4.96 -26.37
CA ASP D 144 40.22 -4.51 -27.74
C ASP D 144 39.55 -3.17 -28.01
N LYS D 145 38.31 -3.02 -27.56
CA LYS D 145 37.58 -1.79 -27.77
C LYS D 145 38.16 -0.64 -26.92
N THR D 146 38.45 -0.92 -25.64
CA THR D 146 39.01 0.07 -24.74
C THR D 146 40.36 0.56 -25.25
N ARG D 147 41.23 -0.40 -25.61
CA ARG D 147 42.55 -0.13 -26.14
C ARG D 147 42.46 0.72 -27.40
N ALA D 148 41.69 0.24 -28.37
CA ALA D 148 41.51 0.95 -29.62
C ALA D 148 41.07 2.40 -29.42
N LEU D 149 40.08 2.61 -28.56
CA LEU D 149 39.61 3.97 -28.32
C LEU D 149 40.69 4.84 -27.68
N PHE D 150 41.48 4.25 -26.78
CA PHE D 150 42.55 5.00 -26.12
C PHE D 150 43.69 5.33 -27.08
N GLN D 151 44.00 4.41 -28.01
CA GLN D 151 45.07 4.65 -28.99
C GLN D 151 44.65 5.77 -29.94
N TYR D 152 43.35 5.88 -30.18
CA TYR D 152 42.82 6.95 -31.03
C TYR D 152 42.91 8.26 -30.24
N ALA D 153 42.62 8.21 -28.94
CA ALA D 153 42.69 9.39 -28.08
C ALA D 153 44.11 9.91 -28.26
N ARG D 154 45.09 9.05 -27.97
CA ARG D 154 46.49 9.40 -28.20
C ARG D 154 46.53 9.43 -29.72
N SER D 155 47.36 10.28 -30.31
CA SER D 155 47.45 10.37 -31.77
C SER D 155 46.63 11.55 -32.22
N ARG D 156 45.80 12.07 -31.33
CA ARG D 156 45.02 13.25 -31.65
C ARG D 156 45.21 14.29 -30.56
N GLY D 157 46.22 14.05 -29.73
CA GLY D 157 46.58 14.98 -28.68
C GLY D 157 45.84 14.90 -27.36
N THR D 159 44.02 13.90 -23.76
CA THR D 159 44.40 13.43 -22.44
C THR D 159 43.50 12.23 -22.20
N THR D 160 44.04 11.16 -21.64
CA THR D 160 43.24 9.97 -21.39
C THR D 160 43.03 9.72 -19.90
N VAL D 161 41.79 9.49 -19.51
CA VAL D 161 41.50 9.21 -18.11
C VAL D 161 40.78 7.87 -18.07
N PHE D 162 41.28 6.97 -17.22
CA PHE D 162 40.75 5.62 -17.11
C PHE D 162 40.26 5.24 -15.71
N ASN D 163 39.10 4.58 -15.67
CA ASN D 163 38.49 4.10 -14.44
C ASN D 163 38.07 2.65 -14.74
N PRO D 164 39.01 1.70 -14.60
CA PRO D 164 38.80 0.27 -14.86
C PRO D 164 37.78 -0.39 -13.93
N SER D 165 36.52 0.01 -14.09
CA SER D 165 35.41 -0.48 -13.29
C SER D 165 34.16 -0.61 -14.15
N PRO D 166 33.63 -1.84 -14.29
CA PRO D 166 34.06 -3.12 -13.71
C PRO D 166 35.46 -3.54 -14.15
N VAL D 167 36.16 -4.23 -13.27
CA VAL D 167 37.52 -4.65 -13.57
C VAL D 167 37.55 -5.74 -14.63
N ASN D 168 38.68 -5.80 -15.32
CA ASN D 168 38.98 -6.79 -16.35
C ASN D 168 40.48 -6.96 -16.16
N PRO D 169 40.90 -8.09 -15.58
CA PRO D 169 42.33 -8.30 -15.38
C PRO D 169 43.22 -8.00 -16.60
N ASP D 170 42.67 -8.10 -17.81
CA ASP D 170 43.44 -7.81 -19.03
C ASP D 170 43.75 -6.31 -19.19
N PHE D 171 43.09 -5.48 -18.38
CA PHE D 171 43.25 -4.04 -18.44
C PHE D 171 44.62 -3.58 -17.99
N CYS D 172 45.35 -4.44 -17.29
CA CYS D 172 46.68 -4.10 -16.79
C CYS D 172 47.71 -3.75 -17.86
N HIS D 173 47.41 -4.05 -19.12
CA HIS D 173 48.32 -3.76 -20.22
C HIS D 173 48.08 -2.37 -20.80
N LEU D 174 47.04 -1.68 -20.35
CA LEU D 174 46.71 -0.37 -20.88
C LEU D 174 47.38 0.86 -20.30
N TRP D 175 47.98 0.73 -19.12
CA TRP D 175 48.60 1.87 -18.46
C TRP D 175 49.40 2.86 -19.33
N PRO D 176 50.19 2.37 -20.31
CA PRO D 176 50.98 3.29 -21.15
C PRO D 176 50.13 4.32 -21.91
N LEU D 177 48.89 3.97 -22.19
CA LEU D 177 47.99 4.87 -22.91
C LEU D 177 47.25 5.80 -21.97
N ILE D 178 47.52 5.71 -20.68
CA ILE D 178 46.77 6.49 -19.70
C ILE D 178 47.47 7.59 -18.89
N ASP D 179 46.89 8.79 -18.94
CA ASP D 179 47.40 9.97 -18.25
C ASP D 179 46.91 10.05 -16.81
N ILE D 180 45.62 9.80 -16.60
CA ILE D 180 45.03 9.83 -15.26
C ILE D 180 44.25 8.56 -15.00
N ALA D 181 44.62 7.86 -13.91
CA ALA D 181 43.96 6.62 -13.52
C ALA D 181 43.25 6.81 -12.18
N VAL D 182 42.03 6.31 -12.10
CA VAL D 182 41.25 6.40 -10.88
C VAL D 182 40.79 4.98 -10.60
N VAL D 183 41.23 4.43 -9.48
CA VAL D 183 40.90 3.05 -9.12
C VAL D 183 40.59 2.92 -7.64
N ASN D 184 39.96 1.82 -7.23
CA ASN D 184 39.72 1.61 -5.81
C ASN D 184 40.93 0.81 -5.34
N GLU D 185 40.89 0.37 -4.10
CA GLU D 185 41.99 -0.39 -3.53
C GLU D 185 42.10 -1.77 -4.18
N SER D 186 40.97 -2.34 -4.60
CA SER D 186 40.96 -3.65 -5.24
C SER D 186 41.50 -3.66 -6.69
N GLU D 187 41.08 -2.70 -7.50
CA GLU D 187 41.52 -2.60 -8.89
C GLU D 187 43.00 -2.18 -8.93
N ALA D 188 43.40 -1.42 -7.91
CA ALA D 188 44.78 -0.94 -7.79
C ALA D 188 45.74 -2.12 -7.64
N GLU D 189 45.38 -3.05 -6.78
CA GLU D 189 46.22 -4.22 -6.53
C GLU D 189 46.09 -5.25 -7.64
N LEU D 190 44.92 -5.31 -8.25
CA LEU D 190 44.69 -6.29 -9.30
C LEU D 190 45.27 -5.86 -10.65
N LEU D 191 45.19 -4.57 -10.97
CA LEU D 191 45.71 -4.09 -12.25
C LEU D 191 47.09 -3.48 -12.07
N GLN D 192 47.40 -3.09 -10.84
CA GLN D 192 48.72 -2.57 -10.56
C GLN D 192 49.15 -1.43 -11.52
N PRO D 193 48.48 -0.27 -11.45
CA PRO D 193 48.81 0.88 -12.30
C PRO D 193 50.27 1.28 -12.15
N TYR D 194 50.86 1.86 -13.20
CA TYR D 194 52.25 2.30 -13.14
C TYR D 194 52.59 3.33 -14.22
N GLY D 195 53.51 4.22 -13.90
CA GLY D 195 53.92 5.23 -14.86
C GLY D 195 52.82 6.15 -15.33
N VAL D 196 51.83 6.37 -14.48
CA VAL D 196 50.74 7.26 -14.84
C VAL D 196 51.02 8.56 -14.12
N LYS D 197 50.89 9.66 -14.85
CA LYS D 197 51.14 10.99 -14.33
C LYS D 197 50.31 11.28 -13.07
N THR D 198 49.07 10.81 -13.07
CA THR D 198 48.21 11.03 -11.93
C THR D 198 47.51 9.72 -11.59
N LEU D 199 47.65 9.30 -10.34
CA LEU D 199 47.04 8.07 -9.87
C LEU D 199 46.22 8.40 -8.64
N VAL D 200 44.92 8.15 -8.70
CA VAL D 200 44.04 8.41 -7.58
C VAL D 200 43.49 7.10 -7.08
N ILE D 201 43.70 6.81 -5.81
CA ILE D 201 43.18 5.58 -5.24
C ILE D 201 42.04 5.93 -4.27
N THR D 202 40.82 5.57 -4.67
CA THR D 202 39.65 5.85 -3.84
C THR D 202 39.42 4.71 -2.84
N GLN D 203 39.16 5.08 -1.60
CA GLN D 203 38.90 4.11 -0.54
C GLN D 203 37.56 4.42 0.13
N GLY D 204 36.62 4.88 -0.69
CA GLY D 204 35.29 5.20 -0.20
C GLY D 204 35.25 6.10 1.01
N ALA D 205 34.54 5.64 2.05
CA ALA D 205 34.43 6.41 3.28
C ALA D 205 35.79 6.63 3.92
N ALA D 206 36.77 5.80 3.55
CA ALA D 206 38.11 5.91 4.11
C ALA D 206 38.97 6.91 3.34
N GLY D 207 38.34 7.81 2.59
CA GLY D 207 39.10 8.80 1.86
C GLY D 207 39.71 8.35 0.54
N ALA D 208 40.71 9.09 0.07
CA ALA D 208 41.34 8.76 -1.19
C ALA D 208 42.76 9.26 -1.29
N TRP D 209 43.59 8.56 -2.06
CA TRP D 209 44.97 8.97 -2.24
C TRP D 209 45.25 9.64 -3.57
N LEU D 210 46.17 10.59 -3.57
CA LEU D 210 46.58 11.26 -4.79
C LEU D 210 48.06 10.96 -4.91
N VAL D 211 48.43 10.19 -5.92
CA VAL D 211 49.80 9.80 -6.18
C VAL D 211 50.24 10.49 -7.46
N GLN D 212 51.03 11.55 -7.32
CA GLN D 212 51.48 12.30 -8.48
C GLN D 212 52.80 11.80 -9.03
N GLU D 213 53.88 12.04 -8.31
CA GLU D 213 55.19 11.56 -8.75
C GLU D 213 56.05 11.25 -7.55
N GLY D 214 55.72 10.14 -6.89
CA GLY D 214 56.46 9.74 -5.71
C GLY D 214 55.86 10.47 -4.52
N GLN D 215 55.00 11.45 -4.81
CA GLN D 215 54.37 12.23 -3.75
C GLN D 215 52.99 11.68 -3.41
N ARG D 216 52.76 11.46 -2.12
CA ARG D 216 51.50 10.91 -1.65
C ARG D 216 50.71 11.87 -0.79
N GLN D 217 49.47 12.14 -1.20
CA GLN D 217 48.58 13.00 -0.43
C GLN D 217 47.32 12.20 -0.15
N PHE D 218 46.89 12.18 1.10
CA PHE D 218 45.68 11.48 1.43
C PHE D 218 44.63 12.53 1.68
N CYS D 219 43.41 12.29 1.20
CA CYS D 219 42.32 13.24 1.39
C CYS D 219 41.15 12.60 2.13
N PRO D 220 41.01 12.91 3.43
CA PRO D 220 39.94 12.35 4.27
C PRO D 220 38.58 12.51 3.60
N ALA D 221 37.64 11.65 3.99
CA ALA D 221 36.31 11.71 3.43
C ALA D 221 35.41 12.51 4.37
N VAL D 222 34.36 13.12 3.81
CA VAL D 222 33.44 13.90 4.61
C VAL D 222 32.73 12.92 5.54
N PRO D 223 33.10 12.92 6.82
CA PRO D 223 32.49 12.01 7.80
C PRO D 223 30.97 12.09 7.73
N ALA D 224 30.32 10.94 7.82
CA ALA D 224 28.86 10.89 7.76
C ALA D 224 28.35 9.45 7.77
N GLU D 225 27.15 9.29 7.26
CA GLU D 225 26.49 8.00 7.18
C GLU D 225 25.85 7.99 5.80
N ALA D 226 26.00 6.89 5.07
CA ALA D 226 25.46 6.81 3.72
C ALA D 226 24.08 6.19 3.69
N LEU D 227 23.17 6.82 2.98
CA LEU D 227 21.82 6.29 2.85
C LEU D 227 21.87 5.28 1.71
N ASP D 228 22.35 5.74 0.55
CA ASP D 228 22.48 4.91 -0.65
C ASP D 228 23.84 5.15 -1.29
N THR D 229 24.71 4.16 -1.16
CA THR D 229 26.07 4.19 -1.66
C THR D 229 26.31 4.32 -3.16
N THR D 230 25.34 3.90 -3.95
CA THR D 230 25.43 3.94 -5.40
C THR D 230 25.79 5.31 -5.98
N GLY D 231 26.68 5.30 -6.99
CA GLY D 231 27.09 6.53 -7.66
C GLY D 231 28.16 7.39 -7.00
N ALA D 232 28.65 7.00 -5.83
CA ALA D 232 29.66 7.79 -5.13
C ALA D 232 31.00 7.83 -5.86
N GLY D 233 31.41 6.70 -6.43
CA GLY D 233 32.67 6.64 -7.16
C GLY D 233 32.69 7.56 -8.36
N ASP D 234 31.63 7.47 -9.18
CA ASP D 234 31.51 8.28 -10.38
C ASP D 234 31.33 9.76 -10.05
N THR D 235 30.66 10.05 -8.93
CA THR D 235 30.46 11.42 -8.51
C THR D 235 31.84 11.97 -8.18
N PHE D 236 32.57 11.20 -7.39
CA PHE D 236 33.91 11.58 -6.98
C PHE D 236 34.76 11.80 -8.22
N LEU D 237 34.74 10.83 -9.12
CA LEU D 237 35.51 10.91 -10.35
C LEU D 237 35.22 12.19 -11.14
N ALA D 238 33.96 12.39 -11.50
CA ALA D 238 33.58 13.54 -12.30
C ALA D 238 33.86 14.89 -11.65
N VAL D 239 33.51 15.05 -10.37
CA VAL D 239 33.74 16.31 -9.69
C VAL D 239 35.23 16.61 -9.56
N LEU D 241 37.65 15.73 -11.54
CA LEU D 241 38.12 16.14 -12.85
C LEU D 241 37.64 17.56 -13.19
N ALA D 242 36.36 17.84 -12.97
CA ALA D 242 35.78 19.14 -13.26
C ALA D 242 36.49 20.21 -12.46
N SER D 243 36.66 19.95 -11.17
CA SER D 243 37.32 20.89 -10.29
C SER D 243 38.66 21.29 -10.89
N ALA D 244 39.46 20.29 -11.26
CA ALA D 244 40.78 20.53 -11.85
C ALA D 244 40.61 21.35 -13.13
N LEU D 245 39.75 20.85 -14.01
CA LEU D 245 39.48 21.52 -15.27
C LEU D 245 39.09 22.98 -15.09
N LEU D 246 38.05 23.21 -14.28
CA LEU D 246 37.60 24.58 -14.05
C LEU D 246 38.74 25.51 -13.70
N ARG D 247 39.71 25.00 -12.93
CA ARG D 247 40.86 25.80 -12.52
C ARG D 247 42.10 25.49 -13.35
N GLY D 248 41.91 25.21 -14.64
CA GLY D 248 43.03 24.89 -15.51
C GLY D 248 44.24 24.36 -14.77
N VAL D 249 44.23 23.07 -14.48
CA VAL D 249 45.34 22.44 -13.75
C VAL D 249 45.13 20.94 -13.65
N ALA D 250 46.15 20.24 -13.17
CA ALA D 250 46.10 18.81 -13.01
C ALA D 250 45.54 18.50 -11.61
N PRO D 251 44.88 17.34 -11.46
CA PRO D 251 44.30 16.92 -10.18
C PRO D 251 45.20 17.22 -8.97
N ASP D 252 44.66 17.98 -8.01
CA ASP D 252 45.39 18.35 -6.80
C ASP D 252 44.60 17.98 -5.55
N ALA D 253 45.10 18.40 -4.40
CA ALA D 253 44.44 18.08 -3.14
C ALA D 253 43.08 18.77 -3.01
N LEU D 254 42.92 19.90 -3.70
CA LEU D 254 41.66 20.62 -3.64
C LEU D 254 40.59 19.94 -4.50
N ALA D 255 41.00 19.39 -5.64
CA ALA D 255 40.05 18.70 -6.51
C ALA D 255 39.47 17.53 -5.74
N LEU D 256 40.31 16.86 -4.96
CA LEU D 256 39.87 15.72 -4.16
C LEU D 256 38.94 16.16 -3.03
N ALA D 257 39.25 17.30 -2.43
CA ALA D 257 38.44 17.85 -1.36
C ALA D 257 37.04 18.11 -1.89
N HIS D 258 36.97 18.71 -3.08
CA HIS D 258 35.70 19.00 -3.74
C HIS D 258 34.95 17.71 -4.05
N ALA D 259 35.68 16.74 -4.59
CA ALA D 259 35.10 15.46 -4.94
C ALA D 259 34.47 14.76 -3.73
N SER D 260 35.16 14.78 -2.59
CA SER D 260 34.63 14.13 -1.38
C SER D 260 33.34 14.79 -0.95
N ARG D 261 33.24 16.10 -1.17
CA ARG D 261 32.05 16.85 -0.80
C ARG D 261 30.91 16.40 -1.69
N ALA D 262 31.16 16.38 -3.00
CA ALA D 262 30.17 16.00 -3.97
C ALA D 262 29.65 14.56 -3.78
N ALA D 263 30.56 13.66 -3.43
CA ALA D 263 30.19 12.26 -3.22
C ALA D 263 29.30 12.11 -1.99
N ALA D 264 29.56 12.93 -0.98
CA ALA D 264 28.76 12.88 0.24
C ALA D 264 27.30 13.16 -0.10
N ILE D 265 27.04 14.16 -0.93
CA ILE D 265 25.67 14.46 -1.27
C ILE D 265 25.02 13.25 -1.91
N THR D 266 25.73 12.63 -2.83
CA THR D 266 25.19 11.47 -3.50
C THR D 266 24.82 10.31 -2.58
N VAL D 267 25.62 10.08 -1.55
CA VAL D 267 25.31 8.97 -0.65
C VAL D 267 24.19 9.30 0.35
N SER D 268 23.84 10.57 0.50
CA SER D 268 22.78 10.96 1.42
C SER D 268 21.41 10.89 0.74
N ARG D 269 21.39 10.55 -0.54
CA ARG D 269 20.14 10.44 -1.29
C ARG D 269 19.93 9.01 -1.73
N ARG D 270 18.78 8.74 -2.34
CA ARG D 270 18.46 7.40 -2.81
C ARG D 270 18.46 7.38 -4.34
N GLY D 271 18.81 6.24 -4.91
CA GLY D 271 18.84 6.14 -6.37
C GLY D 271 20.19 6.52 -6.96
N THR D 272 20.23 6.60 -8.29
CA THR D 272 21.44 6.94 -9.02
C THR D 272 21.33 8.41 -9.47
N LEU D 273 20.91 8.60 -10.72
CA LEU D 273 20.73 9.94 -11.28
C LEU D 273 19.97 10.87 -10.34
N SER D 274 18.84 10.39 -9.84
CA SER D 274 18.01 11.17 -8.93
C SER D 274 18.69 11.52 -7.60
N ALA D 275 19.93 11.09 -7.41
CA ALA D 275 20.64 11.38 -6.17
C ALA D 275 21.84 12.29 -6.40
N PHE D 276 22.19 12.54 -7.66
CA PHE D 276 23.34 13.39 -7.97
C PHE D 276 23.11 14.86 -7.68
N PRO D 277 24.18 15.57 -7.24
CA PRO D 277 24.06 17.00 -6.95
C PRO D 277 23.64 17.71 -8.24
N GLY D 278 23.01 18.87 -8.09
CA GLY D 278 22.60 19.62 -9.27
C GLY D 278 23.57 20.76 -9.49
N SER D 279 23.61 21.31 -10.70
CA SER D 279 24.50 22.43 -11.04
C SER D 279 24.44 23.35 -9.82
N ARG D 280 23.22 23.43 -9.31
CA ARG D 280 22.86 24.19 -8.12
C ARG D 280 23.92 23.98 -7.03
N GLU D 281 23.83 22.81 -6.39
CA GLU D 281 24.73 22.41 -5.31
C GLU D 281 26.21 22.43 -5.73
N LEU D 282 26.51 21.85 -6.89
CA LEU D 282 27.88 21.77 -7.37
C LEU D 282 28.58 23.12 -7.52
N ALA D 283 27.93 24.05 -8.20
CA ALA D 283 28.48 25.39 -8.43
C ALA D 283 28.95 26.04 -7.14
N ALA D 284 28.12 26.01 -6.10
CA ALA D 284 28.45 26.60 -4.81
C ALA D 284 29.56 25.82 -4.13
N LEU D 285 29.66 24.55 -4.49
CA LEU D 285 30.65 23.64 -3.93
C LEU D 285 32.03 23.78 -4.55
N LEU D 286 32.05 23.98 -5.87
CA LEU D 286 33.29 24.11 -6.61
C LEU D 286 33.98 25.45 -6.49
N THR D 287 33.27 26.47 -6.02
CA THR D 287 33.87 27.80 -5.89
C THR D 287 35.17 27.77 -5.08
#